data_7T49
#
_entry.id   7T49
#
_cell.length_a   55.309
_cell.length_b   98.328
_cell.length_c   58.795
_cell.angle_alpha   90.00
_cell.angle_beta   108.15
_cell.angle_gamma   90.00
#
_symmetry.space_group_name_H-M   'P 1 21 1'
#
loop_
_entity.id
_entity.type
_entity.pdbx_description
1 polymer '3C-like proteinase'
2 non-polymer '(1R,2S)-1-hydroxy-2-{[N-({[7-(methanesulfonyl)-7-azaspiro[3.5]nonan-2-yl]oxy}carbonyl)-L-leucyl]amino}-3-[(3S)-2-oxopyrrolidin-3-yl]propane-1-sulfonic acid'
3 non-polymer '(1S,2S)-1-hydroxy-2-{[N-({[7-(methanesulfonyl)-7-azaspiro[3.5]nonan-2-yl]oxy}carbonyl)-L-leucyl]amino}-3-[(3S)-2-oxopyrrolidin-3-yl]propane-1-sulfonic acid'
4 water water
#
_entity_poly.entity_id   1
_entity_poly.type   'polypeptide(L)'
_entity_poly.pdbx_seq_one_letter_code
;SNIGSGFRKMAFPSGKVEGCMVQVTCGTTTLNGLWLDDVVYCPRHVICTSEDMLNPNYEDLLIRKSNHNFLVQAGNVQLR
VIGHSMQNCVLKLKVDTANPKTPKYKFVRIQPGQTFSVLACYNGSPSGVYQCAMRPNFTIKGSFLNGSCGSVGFNIDYDC
VSFCYMHHMELPTGVHAGTDLEGNFYGPFVDRQTAQAAGTDTTITVNVLAWLYAAVINGDRWFLNRFTTTLNDFNLVAMK
YNYEPLTQDHVDILGPLSAQTGIAVLDMCASLKELLQNGMNGRTILGSALLEDEFTPFDVVRQCSGVTF
;
_entity_poly.pdbx_strand_id   A,B
#
loop_
_chem_comp.id
_chem_comp.type
_chem_comp.name
_chem_comp.formula
FV5 non-polymer '(1R,2S)-1-hydroxy-2-{[N-({[7-(methanesulfonyl)-7-azaspiro[3.5]nonan-2-yl]oxy}carbonyl)-L-leucyl]amino}-3-[(3S)-2-oxopyrrolidin-3-yl]propane-1-sulfonic acid' 'C23 H40 N4 O10 S2'
FVE non-polymer '(1S,2S)-1-hydroxy-2-{[N-({[7-(methanesulfonyl)-7-azaspiro[3.5]nonan-2-yl]oxy}carbonyl)-L-leucyl]amino}-3-[(3S)-2-oxopyrrolidin-3-yl]propane-1-sulfonic acid' 'C23 H40 N4 O10 S2'
#
# COMPACT_ATOMS: atom_id res chain seq x y z
N PHE A 7 -12.72 3.86 -0.68
CA PHE A 7 -12.22 2.56 -0.17
C PHE A 7 -11.03 2.00 -0.95
N ARG A 8 -10.04 1.49 -0.22
CA ARG A 8 -8.71 1.22 -0.75
C ARG A 8 -7.98 0.28 0.20
N LYS A 9 -7.13 -0.58 -0.36
CA LYS A 9 -6.31 -1.46 0.46
C LYS A 9 -5.22 -0.65 1.16
N MET A 10 -5.30 -0.55 2.47
CA MET A 10 -4.54 0.46 3.20
C MET A 10 -3.65 -0.19 4.24
N ALA A 11 -2.39 0.21 4.26
CA ALA A 11 -1.45 -0.33 5.23
C ALA A 11 -1.30 0.64 6.40
N PHE A 12 -0.90 0.11 7.56
CA PHE A 12 -0.56 0.97 8.67
C PHE A 12 0.67 1.80 8.34
N PRO A 13 0.78 3.00 8.90
CA PRO A 13 2.00 3.78 8.70
C PRO A 13 3.18 3.02 9.30
N SER A 14 4.26 2.99 8.57
CA SER A 14 5.34 2.02 8.89
C SER A 14 6.51 2.62 9.67
N GLY A 15 6.45 3.90 10.03
CA GLY A 15 7.62 4.54 10.66
C GLY A 15 8.09 3.85 11.94
N LYS A 16 7.16 3.48 12.82
CA LYS A 16 7.59 2.83 14.05
C LYS A 16 8.35 1.53 13.80
N VAL A 17 8.04 0.83 12.71
CA VAL A 17 8.76 -0.40 12.37
C VAL A 17 10.05 -0.12 11.61
N GLU A 18 10.07 0.92 10.77
CA GLU A 18 11.30 1.24 10.03
C GLU A 18 12.44 1.47 11.01
N GLY A 19 12.15 2.10 12.14
CA GLY A 19 13.19 2.43 13.09
C GLY A 19 13.76 1.24 13.81
N CYS A 20 13.24 0.06 13.54
CA CYS A 20 13.75 -1.17 14.12
C CYS A 20 14.47 -2.09 13.16
N MET A 21 14.47 -1.82 11.86
CA MET A 21 15.02 -2.78 10.91
C MET A 21 16.54 -2.64 10.86
N VAL A 22 17.25 -3.78 10.94
CA VAL A 22 18.69 -3.81 10.76
C VAL A 22 19.05 -4.94 9.80
N GLN A 23 20.33 -4.98 9.45
CA GLN A 23 20.90 -5.99 8.59
C GLN A 23 21.72 -6.95 9.44
N VAL A 24 21.60 -8.24 9.09
CA VAL A 24 22.21 -9.36 9.81
C VAL A 24 22.91 -10.23 8.79
N THR A 25 24.21 -10.46 8.99
CA THR A 25 24.97 -11.27 8.06
C THR A 25 25.70 -12.35 8.85
N CYS A 26 25.67 -13.55 8.32
CA CYS A 26 26.47 -14.66 8.82
C CYS A 26 27.08 -15.32 7.60
N GLY A 27 28.40 -15.24 7.48
CA GLY A 27 29.09 -15.75 6.31
C GLY A 27 28.69 -14.96 5.09
N THR A 28 28.17 -15.66 4.08
CA THR A 28 27.73 -15.06 2.83
C THR A 28 26.21 -14.96 2.75
N THR A 29 25.51 -15.08 3.88
CA THR A 29 24.06 -14.96 3.90
C THR A 29 23.69 -13.68 4.62
N THR A 30 22.79 -12.91 4.04
CA THR A 30 22.40 -11.62 4.58
C THR A 30 20.90 -11.56 4.53
N LEU A 31 20.28 -11.16 5.63
CA LEU A 31 18.83 -10.89 5.65
C LEU A 31 18.61 -9.78 6.68
N ASN A 32 17.34 -9.50 6.96
CA ASN A 32 16.98 -8.42 7.88
C ASN A 32 16.75 -8.93 9.30
N GLY A 33 16.98 -8.05 10.27
CA GLY A 33 16.55 -8.28 11.63
C GLY A 33 15.70 -7.14 12.19
N LEU A 34 14.95 -7.51 13.23
CA LEU A 34 14.13 -6.60 14.03
C LEU A 34 14.80 -6.33 15.38
N TRP A 35 15.19 -5.07 15.60
CA TRP A 35 15.95 -4.63 16.79
C TRP A 35 15.01 -3.95 17.79
N LEU A 36 14.66 -4.65 18.86
CA LEU A 36 13.80 -4.11 19.92
C LEU A 36 14.61 -4.12 21.22
N ASP A 37 14.67 -2.97 21.88
CA ASP A 37 15.54 -2.81 23.07
C ASP A 37 16.94 -3.32 22.73
N ASP A 38 17.53 -4.25 23.48
CA ASP A 38 18.87 -4.72 23.16
C ASP A 38 18.87 -6.10 22.50
N VAL A 39 17.80 -6.45 21.78
CA VAL A 39 17.71 -7.76 21.17
C VAL A 39 17.34 -7.58 19.72
N VAL A 40 18.02 -8.33 18.84
CA VAL A 40 17.71 -8.37 17.42
C VAL A 40 17.14 -9.75 17.10
N TYR A 41 16.00 -9.77 16.43
CA TYR A 41 15.31 -11.01 16.07
C TYR A 41 15.45 -11.23 14.57
N CYS A 42 15.75 -12.46 14.16
CA CYS A 42 15.84 -12.72 12.73
C CYS A 42 15.64 -14.19 12.47
N PRO A 43 15.45 -14.56 11.20
CA PRO A 43 15.34 -15.98 10.84
C PRO A 43 16.64 -16.70 11.14
N ARG A 44 16.49 -17.88 11.74
CA ARG A 44 17.64 -18.71 12.08
C ARG A 44 18.37 -19.24 10.86
N HIS A 45 17.74 -19.28 9.69
CA HIS A 45 18.50 -19.80 8.57
C HIS A 45 19.56 -18.87 8.07
N VAL A 46 19.79 -17.75 8.73
CA VAL A 46 20.92 -16.93 8.32
C VAL A 46 22.22 -17.69 8.62
N ILE A 47 22.21 -18.60 9.59
CA ILE A 47 23.46 -19.31 9.94
C ILE A 47 23.76 -20.43 8.97
N CYS A 48 22.91 -20.66 7.98
CA CYS A 48 23.10 -21.77 7.06
C CYS A 48 24.03 -21.37 5.92
N THR A 49 24.68 -22.37 5.38
CA THR A 49 25.48 -22.24 4.19
C THR A 49 24.63 -22.66 3.00
N SER A 50 25.28 -22.87 1.85
CA SER A 50 24.59 -23.52 0.75
C SER A 50 24.24 -24.96 1.10
N GLU A 51 25.25 -25.75 1.46
CA GLU A 51 25.01 -27.16 1.74
C GLU A 51 23.97 -27.33 2.83
N ASP A 52 24.07 -26.57 3.92
CA ASP A 52 23.16 -26.74 5.05
C ASP A 52 21.71 -26.63 4.62
N MET A 53 21.43 -25.79 3.61
CA MET A 53 20.05 -25.52 3.18
C MET A 53 19.17 -26.76 3.21
N LEU A 54 19.63 -27.85 2.60
CA LEU A 54 18.75 -28.98 2.28
C LEU A 54 18.30 -29.75 3.52
N ASN A 55 19.10 -29.78 4.58
CA ASN A 55 18.67 -30.45 5.80
C ASN A 55 19.45 -29.92 6.99
N PRO A 56 19.13 -28.71 7.45
CA PRO A 56 19.94 -28.07 8.50
C PRO A 56 19.58 -28.60 9.89
N ASN A 57 20.58 -29.08 10.62
CA ASN A 57 20.42 -29.44 12.02
C ASN A 57 20.73 -28.19 12.85
N TYR A 58 19.70 -27.36 13.04
CA TYR A 58 19.93 -26.00 13.53
C TYR A 58 20.64 -25.96 14.87
N GLU A 59 20.21 -26.76 15.85
CA GLU A 59 20.86 -26.72 17.15
C GLU A 59 22.34 -27.05 17.03
N ASP A 60 22.67 -27.95 16.10
CA ASP A 60 24.05 -28.34 15.85
C ASP A 60 24.81 -27.25 15.12
N LEU A 61 24.21 -26.63 14.11
CA LEU A 61 24.85 -25.51 13.44
C LEU A 61 24.99 -24.31 14.37
N LEU A 62 24.02 -24.10 15.27
CA LEU A 62 24.06 -22.92 16.13
C LEU A 62 25.17 -23.02 17.18
N ILE A 63 25.36 -24.20 17.75
CA ILE A 63 26.37 -24.36 18.81
C ILE A 63 27.78 -24.14 18.29
N ARG A 64 28.00 -24.29 16.99
CA ARG A 64 29.29 -24.05 16.36
C ARG A 64 29.53 -22.59 16.00
N LYS A 65 28.59 -21.70 16.26
CA LYS A 65 28.77 -20.29 15.91
C LYS A 65 29.14 -19.47 17.15
N SER A 66 29.94 -18.44 16.93
CA SER A 66 30.31 -17.51 17.98
C SER A 66 29.60 -16.18 17.76
N ASN A 67 29.46 -15.43 18.85
CA ASN A 67 28.89 -14.09 18.76
C ASN A 67 29.52 -13.28 17.62
N HIS A 68 30.83 -13.39 17.44
CA HIS A 68 31.50 -12.61 16.39
C HIS A 68 31.25 -13.14 14.97
N ASN A 69 30.54 -14.26 14.80
CA ASN A 69 30.21 -14.69 13.44
C ASN A 69 29.00 -13.96 12.89
N PHE A 70 28.35 -13.13 13.72
CA PHE A 70 27.14 -12.40 13.34
C PHE A 70 27.50 -10.93 13.17
N LEU A 71 27.34 -10.42 11.97
CA LEU A 71 27.55 -9.01 11.69
C LEU A 71 26.16 -8.37 11.59
N VAL A 72 25.86 -7.47 12.51
CA VAL A 72 24.61 -6.74 12.60
C VAL A 72 24.93 -5.29 12.30
N GLN A 73 24.26 -4.71 11.31
CA GLN A 73 24.49 -3.30 10.99
C GLN A 73 23.19 -2.53 11.02
N ALA A 74 23.20 -1.39 11.70
CA ALA A 74 22.09 -0.44 11.69
C ALA A 74 22.59 0.83 11.03
N GLY A 75 22.24 1.04 9.78
CA GLY A 75 22.79 2.17 9.06
C GLY A 75 24.28 2.04 8.87
N ASN A 76 25.01 3.10 9.24
CA ASN A 76 26.46 3.15 9.10
C ASN A 76 27.18 2.46 10.24
N VAL A 77 26.44 1.90 11.20
CA VAL A 77 26.99 1.46 12.48
C VAL A 77 26.85 -0.05 12.59
N GLN A 78 27.89 -0.69 13.14
CA GLN A 78 27.84 -2.09 13.50
C GLN A 78 27.41 -2.17 14.96
N LEU A 79 26.55 -3.14 15.26
CA LEU A 79 26.10 -3.39 16.63
C LEU A 79 26.78 -4.67 17.11
N ARG A 80 27.34 -4.62 18.32
CA ARG A 80 28.15 -5.72 18.82
C ARG A 80 27.25 -6.78 19.47
N VAL A 81 27.29 -8.00 18.93
CA VAL A 81 26.52 -9.13 19.44
C VAL A 81 27.23 -9.69 20.67
N ILE A 82 26.55 -9.69 21.82
CA ILE A 82 27.14 -10.16 23.07
C ILE A 82 26.44 -11.39 23.63
N GLY A 83 25.79 -12.15 22.77
CA GLY A 83 25.07 -13.32 23.21
C GLY A 83 24.03 -13.64 22.16
N HIS A 84 23.73 -14.91 22.02
CA HIS A 84 22.78 -15.38 21.03
C HIS A 84 22.05 -16.60 21.58
N SER A 85 20.77 -16.69 21.27
CA SER A 85 19.95 -17.85 21.58
C SER A 85 18.96 -18.06 20.45
N MET A 86 18.32 -19.22 20.46
CA MET A 86 17.35 -19.61 19.44
C MET A 86 16.02 -19.91 20.11
N GLN A 87 14.92 -19.35 19.58
CA GLN A 87 13.59 -19.74 20.00
C GLN A 87 12.87 -20.23 18.75
N ASN A 88 12.62 -21.54 18.66
CA ASN A 88 11.99 -22.14 17.47
C ASN A 88 12.76 -21.69 16.23
N CYS A 89 12.12 -21.09 15.22
CA CYS A 89 12.85 -20.76 14.00
C CYS A 89 13.43 -19.36 13.99
N VAL A 90 13.43 -18.64 15.12
CA VAL A 90 13.98 -17.30 15.18
CA VAL A 90 13.95 -17.28 15.23
C VAL A 90 15.19 -17.29 16.08
N LEU A 91 16.20 -16.55 15.63
CA LEU A 91 17.44 -16.32 16.36
C LEU A 91 17.30 -15.00 17.09
N LYS A 92 17.74 -14.96 18.35
CA LYS A 92 17.74 -13.77 19.17
C LYS A 92 19.18 -13.38 19.43
N LEU A 93 19.61 -12.26 18.87
CA LEU A 93 20.96 -11.76 19.08
C LEU A 93 20.93 -10.63 20.10
N LYS A 94 21.60 -10.82 21.23
CA LYS A 94 21.73 -9.74 22.21
C LYS A 94 22.84 -8.83 21.74
N VAL A 95 22.60 -7.53 21.83
CA VAL A 95 23.58 -6.55 21.38
C VAL A 95 23.86 -5.60 22.53
N ASP A 96 25.03 -4.98 22.47
CA ASP A 96 25.46 -4.08 23.54
C ASP A 96 24.78 -2.72 23.48
N THR A 97 23.84 -2.51 22.57
CA THR A 97 23.18 -1.21 22.42
C THR A 97 21.67 -1.37 22.45
N ALA A 98 20.99 -0.45 23.11
CA ALA A 98 19.54 -0.42 23.09
C ALA A 98 19.10 0.46 21.93
N ASN A 99 18.12 -0.02 21.18
CA ASN A 99 17.52 0.80 20.14
C ASN A 99 16.70 1.92 20.73
N PRO A 100 17.07 3.20 20.56
CA PRO A 100 16.28 4.27 21.17
C PRO A 100 14.93 4.45 20.51
N LYS A 101 14.74 3.90 19.32
CA LYS A 101 13.51 4.08 18.57
C LYS A 101 12.53 2.92 18.79
N THR A 102 12.85 1.99 19.69
CA THR A 102 11.95 0.91 20.05
C THR A 102 10.57 1.46 20.41
N PRO A 103 9.50 1.05 19.73
CA PRO A 103 8.17 1.49 20.10
C PRO A 103 7.61 0.62 21.21
N LYS A 104 6.49 1.05 21.77
CA LYS A 104 5.65 0.15 22.54
C LYS A 104 5.26 -1.01 21.64
N TYR A 105 5.45 -2.25 22.11
CA TYR A 105 5.17 -3.37 21.23
C TYR A 105 4.65 -4.56 22.01
N LYS A 106 4.17 -5.54 21.25
CA LYS A 106 3.78 -6.84 21.74
C LYS A 106 3.92 -7.83 20.59
N PHE A 107 4.05 -9.10 20.93
CA PHE A 107 4.17 -10.18 19.97
C PHE A 107 2.85 -10.93 19.98
N VAL A 108 2.21 -11.04 18.83
CA VAL A 108 0.92 -11.69 18.76
C VAL A 108 1.00 -12.78 17.69
N ARG A 109 0.23 -13.83 17.88
CA ARG A 109 0.04 -14.82 16.85
C ARG A 109 -1.33 -14.56 16.24
N ILE A 110 -1.38 -14.34 14.92
CA ILE A 110 -2.66 -14.00 14.32
C ILE A 110 -3.38 -15.24 13.84
N GLN A 111 -4.75 -15.13 13.73
CA GLN A 111 -5.66 -16.14 13.23
C GLN A 111 -5.79 -16.05 11.72
N PRO A 112 -6.03 -17.15 11.03
CA PRO A 112 -6.26 -17.05 9.59
C PRO A 112 -7.49 -16.18 9.37
N GLY A 113 -7.45 -15.40 8.29
CA GLY A 113 -8.47 -14.43 7.99
C GLY A 113 -8.19 -13.04 8.50
N GLN A 114 -7.26 -12.89 9.44
CA GLN A 114 -6.88 -11.57 9.93
C GLN A 114 -5.82 -10.94 9.04
N THR A 115 -5.78 -9.63 9.05
CA THR A 115 -4.93 -8.88 8.14
C THR A 115 -3.81 -8.20 8.93
N PHE A 116 -2.76 -7.82 8.21
CA PHE A 116 -1.64 -7.13 8.83
C PHE A 116 -0.88 -6.44 7.72
N SER A 117 -0.10 -5.45 8.11
CA SER A 117 0.78 -4.77 7.18
C SER A 117 2.14 -5.43 7.14
N VAL A 118 2.71 -5.49 5.95
CA VAL A 118 4.05 -6.00 5.76
C VAL A 118 4.98 -4.83 5.41
N LEU A 119 6.12 -4.75 6.09
CA LEU A 119 7.20 -3.84 5.72
C LEU A 119 8.29 -4.66 5.06
N ALA A 120 8.33 -4.62 3.74
CA ALA A 120 9.31 -5.38 3.00
C ALA A 120 10.62 -4.61 3.04
N CYS A 121 11.69 -5.33 3.40
CA CYS A 121 13.03 -4.77 3.58
C CYS A 121 14.07 -5.63 2.89
N TYR A 122 15.16 -5.00 2.46
CA TYR A 122 16.30 -5.65 1.81
C TYR A 122 17.56 -5.01 2.37
N ASN A 123 18.52 -5.83 2.80
CA ASN A 123 19.76 -5.32 3.38
C ASN A 123 19.51 -4.35 4.53
N GLY A 124 18.51 -4.65 5.34
CA GLY A 124 18.21 -3.82 6.48
C GLY A 124 17.45 -2.56 6.17
N SER A 125 17.12 -2.32 4.88
CA SER A 125 16.50 -1.07 4.42
C SER A 125 15.05 -1.28 3.99
N PRO A 126 14.12 -0.54 4.60
CA PRO A 126 12.71 -0.60 4.18
C PRO A 126 12.54 -0.20 2.73
N SER A 127 11.77 -1.00 2.00
CA SER A 127 11.56 -0.78 0.58
C SER A 127 10.09 -0.56 0.21
N GLY A 128 9.14 -1.17 0.91
CA GLY A 128 7.75 -0.91 0.60
C GLY A 128 6.84 -1.48 1.67
N VAL A 129 5.57 -1.07 1.63
CA VAL A 129 4.63 -1.45 2.68
C VAL A 129 3.29 -1.78 2.05
N TYR A 130 2.71 -2.89 2.47
CA TYR A 130 1.44 -3.32 1.89
C TYR A 130 0.72 -4.21 2.86
N GLN A 131 -0.56 -4.40 2.59
CA GLN A 131 -1.49 -5.14 3.42
C GLN A 131 -1.64 -6.58 2.89
N CYS A 132 -1.63 -7.54 3.81
CA CYS A 132 -1.72 -8.98 3.54
C CYS A 132 -2.73 -9.57 4.51
N ALA A 133 -3.17 -10.79 4.25
CA ALA A 133 -3.92 -11.51 5.26
C ALA A 133 -3.31 -12.89 5.45
N MET A 134 -3.44 -13.41 6.66
CA MET A 134 -3.13 -14.82 6.92
C MET A 134 -4.20 -15.67 6.23
N ARG A 135 -3.82 -16.37 5.17
CA ARG A 135 -4.77 -17.22 4.46
C ARG A 135 -5.20 -18.39 5.34
N PRO A 136 -6.35 -18.99 5.03
CA PRO A 136 -6.77 -20.15 5.82
C PRO A 136 -5.82 -21.33 5.73
N ASN A 137 -5.02 -21.45 4.66
CA ASN A 137 -4.01 -22.49 4.59
C ASN A 137 -2.65 -22.00 5.15
N PHE A 138 -2.63 -20.84 5.80
CA PHE A 138 -1.49 -20.30 6.55
C PHE A 138 -0.34 -19.86 5.66
N THR A 139 -0.61 -19.59 4.41
CA THR A 139 0.30 -18.85 3.55
C THR A 139 -0.09 -17.38 3.53
N ILE A 140 0.74 -16.57 2.90
CA ILE A 140 0.41 -15.18 2.66
C ILE A 140 0.82 -14.87 1.23
N LYS A 141 -0.04 -14.12 0.55
CA LYS A 141 0.23 -13.71 -0.81
C LYS A 141 1.02 -12.41 -0.71
N GLY A 142 2.32 -12.54 -0.57
CA GLY A 142 3.21 -11.42 -0.38
C GLY A 142 4.00 -11.10 -1.64
N SER A 143 4.75 -10.04 -1.53
CA SER A 143 5.69 -9.62 -2.56
C SER A 143 7.01 -9.61 -1.82
N PHE A 144 7.75 -10.68 -1.99
CA PHE A 144 8.99 -10.89 -1.29
C PHE A 144 9.98 -11.44 -2.31
N LEU A 145 11.13 -10.80 -2.45
CA LEU A 145 12.20 -11.27 -3.31
C LEU A 145 13.40 -11.81 -2.49
N ASN A 146 14.49 -12.13 -3.17
CA ASN A 146 15.69 -12.54 -2.45
C ASN A 146 16.11 -11.44 -1.49
N GLY A 147 16.49 -11.84 -0.27
CA GLY A 147 16.98 -10.92 0.73
C GLY A 147 15.90 -10.30 1.59
N SER A 148 14.66 -10.69 1.39
CA SER A 148 13.53 -10.14 2.15
C SER A 148 13.33 -10.81 3.50
N CYS A 149 14.01 -11.92 3.77
CA CYS A 149 13.76 -12.63 5.02
C CYS A 149 14.05 -11.72 6.21
N GLY A 150 13.29 -11.92 7.27
CA GLY A 150 13.31 -11.02 8.41
C GLY A 150 12.45 -9.80 8.30
N SER A 151 11.92 -9.52 7.10
CA SER A 151 10.80 -8.58 6.99
C SER A 151 9.68 -9.01 7.93
N VAL A 152 8.97 -8.03 8.51
CA VAL A 152 7.95 -8.36 9.50
C VAL A 152 6.58 -7.83 9.07
N GLY A 153 5.57 -8.45 9.65
CA GLY A 153 4.19 -8.03 9.51
C GLY A 153 3.68 -7.56 10.86
N PHE A 154 2.73 -6.62 10.85
CA PHE A 154 2.33 -5.98 12.09
C PHE A 154 1.00 -5.26 11.94
N ASN A 155 0.39 -5.01 13.09
CA ASN A 155 -0.75 -4.12 13.23
C ASN A 155 -0.40 -3.06 14.27
N ILE A 156 -1.12 -1.94 14.22
CA ILE A 156 -0.86 -0.85 15.15
C ILE A 156 -2.18 -0.49 15.81
N ASP A 157 -2.20 -0.52 17.14
CA ASP A 157 -3.36 -0.19 17.95
C ASP A 157 -2.94 0.88 18.95
N TYR A 158 -3.54 2.06 18.85
CA TYR A 158 -3.12 3.22 19.63
C TYR A 158 -1.67 3.46 19.20
N ASP A 159 -0.72 3.58 20.13
CA ASP A 159 0.68 3.77 19.79
C ASP A 159 1.47 2.47 19.85
N CYS A 160 0.80 1.33 19.86
CA CYS A 160 1.40 0.03 20.16
C CYS A 160 1.45 -0.85 18.91
N VAL A 161 2.63 -1.38 18.62
CA VAL A 161 2.85 -2.23 17.45
C VAL A 161 2.77 -3.68 17.91
N SER A 162 1.83 -4.43 17.32
CA SER A 162 1.70 -5.86 17.54
C SER A 162 2.33 -6.56 16.34
N PHE A 163 3.49 -7.13 16.56
CA PHE A 163 4.22 -7.89 15.56
C PHE A 163 3.64 -9.29 15.47
N CYS A 164 3.30 -9.73 14.27
CA CYS A 164 2.66 -11.01 14.11
C CYS A 164 3.33 -11.94 13.11
N TYR A 165 4.27 -11.45 12.31
CA TYR A 165 4.80 -12.25 11.20
C TYR A 165 6.25 -11.85 10.96
N MET A 166 7.08 -12.87 10.73
CA MET A 166 8.42 -12.68 10.22
C MET A 166 8.60 -13.60 9.02
N HIS A 167 9.20 -13.08 7.97
CA HIS A 167 9.25 -13.76 6.70
C HIS A 167 10.44 -14.71 6.58
N HIS A 168 10.17 -15.93 6.06
CA HIS A 168 11.20 -16.96 5.89
C HIS A 168 11.32 -17.61 4.50
N MET A 169 10.24 -17.74 3.74
CA MET A 169 10.37 -18.51 2.50
C MET A 169 9.26 -18.26 1.50
N GLU A 170 9.54 -18.69 0.27
CA GLU A 170 8.58 -18.66 -0.83
C GLU A 170 8.29 -20.10 -1.24
N LEU A 171 7.06 -20.35 -1.58
CA LEU A 171 6.67 -21.66 -2.08
C LEU A 171 6.64 -21.64 -3.60
N PRO A 172 6.71 -22.82 -4.23
CA PRO A 172 6.76 -22.86 -5.70
C PRO A 172 5.57 -22.18 -6.40
N THR A 173 4.40 -22.15 -5.77
CA THR A 173 3.26 -21.44 -6.35
C THR A 173 3.42 -19.93 -6.26
N GLY A 174 4.47 -19.44 -5.61
CA GLY A 174 4.72 -18.03 -5.49
C GLY A 174 4.13 -17.37 -4.28
N VAL A 175 3.46 -18.12 -3.40
CA VAL A 175 2.99 -17.56 -2.13
C VAL A 175 4.11 -17.74 -1.12
N HIS A 176 3.88 -17.30 0.13
CA HIS A 176 4.93 -17.10 1.10
C HIS A 176 4.57 -17.72 2.44
N ALA A 177 5.60 -18.06 3.23
CA ALA A 177 5.38 -18.62 4.55
C ALA A 177 6.41 -18.09 5.54
N GLY A 178 6.01 -18.02 6.80
CA GLY A 178 6.86 -17.51 7.83
C GLY A 178 6.29 -17.82 9.20
N THR A 179 6.84 -17.13 10.21
CA THR A 179 6.57 -17.44 11.60
C THR A 179 5.98 -16.25 12.32
N ASP A 180 5.47 -16.51 13.51
CA ASP A 180 5.27 -15.44 14.48
C ASP A 180 6.61 -15.08 15.13
N LEU A 181 6.59 -14.13 16.05
CA LEU A 181 7.85 -13.63 16.57
C LEU A 181 8.40 -14.52 17.66
N GLU A 182 7.67 -15.59 18.01
CA GLU A 182 8.22 -16.67 18.81
C GLU A 182 8.91 -17.73 17.95
N GLY A 183 8.90 -17.58 16.63
CA GLY A 183 9.59 -18.52 15.77
C GLY A 183 8.79 -19.72 15.32
N ASN A 184 7.51 -19.80 15.64
CA ASN A 184 6.66 -20.89 15.20
C ASN A 184 6.06 -20.58 13.84
N PHE A 185 6.22 -21.48 12.88
CA PHE A 185 5.60 -21.23 11.58
C PHE A 185 4.10 -21.14 11.70
N TYR A 186 3.54 -20.32 10.84
CA TYR A 186 2.17 -20.47 10.41
C TYR A 186 2.11 -21.57 9.34
N GLY A 187 1.38 -22.63 9.61
CA GLY A 187 1.23 -23.67 8.64
C GLY A 187 2.21 -24.80 8.78
N PRO A 188 2.04 -25.80 7.89
CA PRO A 188 2.88 -27.01 7.97
C PRO A 188 4.24 -26.88 7.30
N PHE A 189 4.82 -25.69 7.33
CA PHE A 189 6.04 -25.48 6.59
C PHE A 189 7.26 -25.57 7.49
N VAL A 190 8.42 -25.72 6.86
CA VAL A 190 9.67 -25.99 7.55
C VAL A 190 10.75 -25.15 6.90
N ASP A 191 11.64 -24.58 7.70
CA ASP A 191 12.70 -23.72 7.18
C ASP A 191 13.88 -24.57 6.71
N ARG A 192 13.62 -25.33 5.66
CA ARG A 192 14.62 -26.12 4.96
C ARG A 192 14.45 -25.85 3.47
N GLN A 193 15.54 -25.92 2.71
CA GLN A 193 15.52 -25.48 1.31
C GLN A 193 14.92 -26.56 0.41
N THR A 194 13.59 -26.69 0.46
CA THR A 194 12.86 -27.69 -0.32
C THR A 194 11.59 -27.10 -0.89
N ALA A 195 11.09 -27.75 -1.94
CA ALA A 195 9.83 -27.35 -2.53
C ALA A 195 8.69 -27.87 -1.64
N GLN A 196 7.94 -26.96 -1.07
CA GLN A 196 6.81 -27.28 -0.20
C GLN A 196 5.52 -26.78 -0.82
N ALA A 197 4.48 -27.59 -0.69
CA ALA A 197 3.14 -27.26 -1.12
C ALA A 197 2.29 -27.02 0.10
N ALA A 198 1.26 -26.20 -0.07
CA ALA A 198 0.34 -25.87 0.99
C ALA A 198 -0.91 -26.72 0.88
N GLY A 199 -1.69 -26.70 1.94
CA GLY A 199 -3.02 -27.23 1.85
C GLY A 199 -3.87 -26.41 0.90
N THR A 200 -4.97 -27.01 0.48
CA THR A 200 -5.92 -26.32 -0.38
C THR A 200 -6.35 -24.99 0.21
N ASP A 201 -6.14 -23.92 -0.53
CA ASP A 201 -6.55 -22.65 -0.01
C ASP A 201 -8.05 -22.48 -0.19
N THR A 202 -8.63 -21.75 0.72
CA THR A 202 -10.04 -21.42 0.70
C THR A 202 -10.17 -19.92 0.83
N THR A 203 -11.34 -19.40 0.44
CA THR A 203 -11.60 -17.99 0.50
C THR A 203 -12.18 -17.58 1.86
N ILE A 204 -11.73 -16.42 2.36
CA ILE A 204 -12.15 -15.92 3.68
C ILE A 204 -13.52 -15.24 3.52
N THR A 205 -14.59 -15.96 3.87
CA THR A 205 -15.95 -15.56 3.51
C THR A 205 -16.39 -14.30 4.25
N VAL A 206 -16.09 -14.21 5.54
CA VAL A 206 -16.48 -13.02 6.30
C VAL A 206 -15.86 -11.78 5.67
N ASN A 207 -14.64 -11.92 5.14
CA ASN A 207 -13.95 -10.80 4.49
C ASN A 207 -14.60 -10.46 3.15
N VAL A 208 -15.00 -11.46 2.37
CA VAL A 208 -15.71 -11.16 1.13
C VAL A 208 -16.98 -10.38 1.45
N LEU A 209 -17.74 -10.82 2.46
CA LEU A 209 -18.97 -10.12 2.81
C LEU A 209 -18.67 -8.68 3.22
N ALA A 210 -17.64 -8.49 4.05
CA ALA A 210 -17.27 -7.14 4.47
C ALA A 210 -16.98 -6.28 3.27
N TRP A 211 -16.30 -6.84 2.29
CA TRP A 211 -15.95 -6.07 1.11
C TRP A 211 -17.18 -5.76 0.28
N LEU A 212 -18.12 -6.69 0.20
CA LEU A 212 -19.36 -6.40 -0.52
C LEU A 212 -20.11 -5.26 0.18
N TYR A 213 -20.19 -5.29 1.49
CA TYR A 213 -20.76 -4.16 2.22
C TYR A 213 -20.03 -2.87 1.90
N ALA A 214 -18.71 -2.93 1.73
CA ALA A 214 -17.96 -1.75 1.36
C ALA A 214 -18.39 -1.23 -0.01
N ALA A 215 -18.57 -2.13 -0.98
CA ALA A 215 -18.92 -1.70 -2.33
C ALA A 215 -20.28 -1.01 -2.34
N VAL A 216 -21.18 -1.47 -1.47
CA VAL A 216 -22.49 -0.84 -1.34
C VAL A 216 -22.34 0.56 -0.76
N ILE A 217 -21.70 0.68 0.40
CA ILE A 217 -21.41 1.96 1.04
C ILE A 217 -20.94 3.01 0.03
N ASN A 218 -20.10 2.59 -0.92
CA ASN A 218 -19.58 3.47 -1.96
C ASN A 218 -20.45 3.46 -3.23
N GLY A 219 -21.75 3.18 -3.10
CA GLY A 219 -22.68 3.38 -4.18
C GLY A 219 -22.73 2.28 -5.22
N ASP A 220 -22.28 1.09 -4.88
CA ASP A 220 -22.17 -0.01 -5.84
C ASP A 220 -23.05 -1.15 -5.33
N ARG A 221 -24.20 -1.38 -5.97
CA ARG A 221 -25.10 -2.42 -5.43
C ARG A 221 -25.72 -3.30 -6.51
N TRP A 222 -25.08 -3.41 -7.68
CA TRP A 222 -25.62 -4.24 -8.74
C TRP A 222 -25.76 -5.71 -8.36
N PHE A 223 -24.90 -6.21 -7.46
CA PHE A 223 -24.85 -7.63 -7.11
C PHE A 223 -25.94 -8.03 -6.12
N LEU A 224 -26.59 -7.08 -5.45
CA LEU A 224 -27.65 -7.38 -4.50
C LEU A 224 -28.83 -8.09 -5.18
N ASN A 225 -29.72 -8.61 -4.34
CA ASN A 225 -30.90 -9.32 -4.80
C ASN A 225 -31.91 -9.35 -3.66
N ARG A 226 -33.18 -9.64 -4.01
CA ARG A 226 -34.27 -9.65 -3.04
C ARG A 226 -34.33 -10.94 -2.23
N PHE A 227 -33.48 -11.91 -2.55
CA PHE A 227 -33.51 -13.21 -1.92
C PHE A 227 -32.80 -13.20 -0.56
N THR A 228 -33.06 -14.25 0.21
CA THR A 228 -32.42 -14.46 1.50
C THR A 228 -32.02 -15.93 1.59
N THR A 229 -31.38 -16.29 2.69
CA THR A 229 -30.87 -17.64 2.87
C THR A 229 -30.67 -17.87 4.36
N THR A 230 -30.72 -19.13 4.74
CA THR A 230 -30.34 -19.48 6.09
C THR A 230 -28.83 -19.57 6.19
N LEU A 231 -28.34 -19.50 7.43
CA LEU A 231 -26.91 -19.59 7.63
C LEU A 231 -26.38 -20.93 7.17
N ASN A 232 -27.05 -22.01 7.57
CA ASN A 232 -26.56 -23.33 7.19
C ASN A 232 -26.64 -23.56 5.68
N ASP A 233 -27.72 -23.15 5.02
CA ASP A 233 -27.80 -23.35 3.57
C ASP A 233 -26.76 -22.52 2.84
N PHE A 234 -26.45 -21.34 3.35
CA PHE A 234 -25.36 -20.58 2.76
C PHE A 234 -24.05 -21.34 2.91
N ASN A 235 -23.78 -21.83 4.13
CA ASN A 235 -22.53 -22.54 4.42
C ASN A 235 -22.38 -23.80 3.57
N LEU A 236 -23.48 -24.45 3.20
CA LEU A 236 -23.39 -25.58 2.29
C LEU A 236 -22.83 -25.15 0.96
N VAL A 237 -23.31 -24.03 0.43
CA VAL A 237 -22.84 -23.58 -0.88
C VAL A 237 -21.44 -23.02 -0.77
N ALA A 238 -21.18 -22.23 0.27
CA ALA A 238 -19.83 -21.75 0.51
C ALA A 238 -18.81 -22.88 0.47
N MET A 239 -19.06 -23.95 1.23
CA MET A 239 -18.07 -25.00 1.34
C MET A 239 -17.89 -25.69 0.01
N LYS A 240 -18.97 -25.77 -0.77
CA LYS A 240 -18.88 -26.38 -2.10
C LYS A 240 -17.91 -25.61 -2.98
N TYR A 241 -17.81 -24.30 -2.80
CA TYR A 241 -16.95 -23.45 -3.62
C TYR A 241 -15.63 -23.13 -2.93
N ASN A 242 -15.26 -23.93 -1.92
CA ASN A 242 -14.03 -23.75 -1.15
C ASN A 242 -13.95 -22.37 -0.49
N TYR A 243 -15.10 -21.88 0.00
CA TYR A 243 -15.17 -20.75 0.91
C TYR A 243 -15.27 -21.25 2.34
N GLU A 244 -14.65 -20.51 3.27
CA GLU A 244 -14.73 -20.89 4.68
C GLU A 244 -16.17 -20.77 5.16
N PRO A 245 -16.59 -21.59 6.10
CA PRO A 245 -17.93 -21.42 6.65
C PRO A 245 -18.00 -20.13 7.44
N LEU A 246 -19.19 -19.56 7.46
CA LEU A 246 -19.49 -18.35 8.22
C LEU A 246 -20.04 -18.77 9.58
N THR A 247 -19.41 -18.31 10.65
CA THR A 247 -19.87 -18.59 12.01
C THR A 247 -20.84 -17.50 12.48
N GLN A 248 -21.58 -17.82 13.55
CA GLN A 248 -22.45 -16.80 14.14
C GLN A 248 -21.65 -15.62 14.69
N ASP A 249 -20.41 -15.85 15.16
CA ASP A 249 -19.57 -14.73 15.54
C ASP A 249 -19.25 -13.86 14.34
N HIS A 250 -18.99 -14.47 13.18
CA HIS A 250 -18.80 -13.68 11.97
C HIS A 250 -20.05 -12.84 11.67
N VAL A 251 -21.24 -13.42 11.83
CA VAL A 251 -22.46 -12.66 11.57
C VAL A 251 -22.54 -11.49 12.53
N ASP A 252 -22.22 -11.74 13.81
CA ASP A 252 -22.23 -10.68 14.81
C ASP A 252 -21.26 -9.58 14.43
N ILE A 253 -20.02 -9.97 14.10
CA ILE A 253 -18.99 -9.03 13.72
C ILE A 253 -19.44 -8.15 12.56
N LEU A 254 -20.33 -8.65 11.72
CA LEU A 254 -20.76 -7.92 10.55
C LEU A 254 -21.92 -6.97 10.86
N GLY A 255 -22.41 -6.95 12.10
CA GLY A 255 -23.54 -6.13 12.47
C GLY A 255 -23.40 -4.69 12.05
N PRO A 256 -22.35 -4.02 12.52
CA PRO A 256 -22.18 -2.58 12.22
C PRO A 256 -22.32 -2.27 10.75
N LEU A 257 -21.71 -3.09 9.90
CA LEU A 257 -21.87 -2.91 8.46
C LEU A 257 -23.31 -3.15 8.04
N SER A 258 -23.97 -4.12 8.66
CA SER A 258 -25.37 -4.36 8.32
C SER A 258 -26.20 -3.13 8.64
N ALA A 259 -26.23 -2.77 9.92
CA ALA A 259 -26.88 -1.55 10.37
C ALA A 259 -26.64 -0.39 9.40
N GLN A 260 -25.38 0.01 9.28
CA GLN A 260 -25.02 1.17 8.45
C GLN A 260 -25.69 1.14 7.08
N THR A 261 -25.84 -0.04 6.49
CA THR A 261 -26.41 -0.18 5.15
C THR A 261 -27.84 -0.67 5.16
N GLY A 262 -28.35 -1.13 6.29
CA GLY A 262 -29.68 -1.72 6.31
C GLY A 262 -29.80 -2.98 5.49
N ILE A 263 -28.72 -3.73 5.35
CA ILE A 263 -28.75 -4.97 4.59
C ILE A 263 -28.42 -6.07 5.57
N ALA A 264 -29.37 -6.97 5.81
CA ALA A 264 -29.15 -8.02 6.78
C ALA A 264 -28.00 -8.91 6.32
N VAL A 265 -27.24 -9.39 7.28
CA VAL A 265 -26.08 -10.21 6.94
C VAL A 265 -26.52 -11.34 6.01
N LEU A 266 -27.58 -12.06 6.38
CA LEU A 266 -27.98 -13.18 5.55
C LEU A 266 -28.56 -12.76 4.20
N ASP A 267 -29.00 -11.49 4.05
CA ASP A 267 -29.30 -11.03 2.71
C ASP A 267 -28.03 -10.87 1.88
N MET A 268 -26.94 -10.36 2.49
CA MET A 268 -25.69 -10.27 1.73
C MET A 268 -25.15 -11.66 1.42
N CYS A 269 -25.36 -12.63 2.31
CA CYS A 269 -25.01 -14.01 2.01
C CYS A 269 -25.73 -14.51 0.77
N ALA A 270 -27.02 -14.15 0.65
CA ALA A 270 -27.76 -14.52 -0.55
C ALA A 270 -27.17 -13.87 -1.79
N SER A 271 -26.71 -12.61 -1.68
CA SER A 271 -26.04 -11.99 -2.82
C SER A 271 -24.77 -12.76 -3.18
N LEU A 272 -23.93 -13.05 -2.18
CA LEU A 272 -22.70 -13.79 -2.44
C LEU A 272 -22.98 -15.17 -3.03
N LYS A 273 -23.96 -15.88 -2.47
CA LYS A 273 -24.33 -17.16 -3.06
C LYS A 273 -24.64 -17.00 -4.54
N GLU A 274 -25.42 -15.95 -4.90
CA GLU A 274 -25.74 -15.73 -6.32
C GLU A 274 -24.48 -15.46 -7.13
N LEU A 275 -23.57 -14.64 -6.60
CA LEU A 275 -22.31 -14.37 -7.30
C LEU A 275 -21.50 -15.64 -7.51
N LEU A 276 -21.46 -16.52 -6.49
CA LEU A 276 -20.68 -17.73 -6.62
C LEU A 276 -21.22 -18.62 -7.73
N GLN A 277 -22.54 -18.75 -7.81
CA GLN A 277 -23.15 -19.72 -8.71
C GLN A 277 -23.22 -19.21 -10.14
N ASN A 278 -23.43 -17.91 -10.33
CA ASN A 278 -23.54 -17.33 -11.66
C ASN A 278 -22.26 -16.70 -12.16
N GLY A 279 -21.48 -16.11 -11.27
CA GLY A 279 -20.32 -15.33 -11.66
C GLY A 279 -20.66 -13.86 -11.71
N MET A 280 -19.71 -13.09 -12.24
CA MET A 280 -19.89 -11.66 -12.39
C MET A 280 -20.31 -11.26 -13.79
N ASN A 281 -20.33 -12.20 -14.74
CA ASN A 281 -20.86 -11.96 -16.08
C ASN A 281 -20.17 -10.77 -16.72
N GLY A 282 -18.88 -10.60 -16.46
CA GLY A 282 -18.11 -9.49 -16.94
C GLY A 282 -18.08 -8.29 -16.02
N ARG A 283 -19.15 -8.07 -15.26
CA ARG A 283 -19.21 -6.94 -14.35
C ARG A 283 -18.01 -6.96 -13.39
N THR A 284 -17.83 -5.87 -12.64
CA THR A 284 -16.76 -5.78 -11.66
C THR A 284 -17.33 -5.15 -10.41
N ILE A 285 -16.59 -5.31 -9.30
CA ILE A 285 -16.94 -4.71 -8.02
C ILE A 285 -15.72 -3.97 -7.50
N LEU A 286 -15.91 -2.71 -7.12
CA LEU A 286 -14.84 -1.82 -6.67
C LEU A 286 -13.59 -1.96 -7.53
N GLY A 287 -13.78 -2.12 -8.84
CA GLY A 287 -12.70 -2.29 -9.78
C GLY A 287 -12.31 -3.72 -10.07
N SER A 288 -12.62 -4.64 -9.16
CA SER A 288 -12.09 -5.99 -9.23
C SER A 288 -12.99 -6.90 -10.07
N ALA A 289 -12.36 -7.72 -10.91
CA ALA A 289 -13.01 -8.83 -11.58
C ALA A 289 -13.07 -10.09 -10.72
N LEU A 290 -12.77 -9.98 -9.43
CA LEU A 290 -12.72 -11.14 -8.57
C LEU A 290 -13.16 -10.71 -7.18
N LEU A 291 -13.66 -11.66 -6.41
CA LEU A 291 -14.15 -11.33 -5.09
C LEU A 291 -12.96 -11.18 -4.14
N GLU A 292 -12.79 -10.01 -3.57
CA GLU A 292 -11.64 -9.73 -2.72
C GLU A 292 -11.89 -10.24 -1.31
N ASP A 293 -10.90 -10.93 -0.71
CA ASP A 293 -11.11 -11.49 0.61
C ASP A 293 -10.02 -11.12 1.63
N GLU A 294 -9.29 -10.02 1.41
CA GLU A 294 -8.29 -9.59 2.38
C GLU A 294 -8.61 -8.21 2.99
N PHE A 295 -9.90 -7.88 3.10
CA PHE A 295 -10.41 -6.86 4.03
C PHE A 295 -11.25 -7.50 5.12
N THR A 296 -10.90 -7.26 6.36
CA THR A 296 -11.72 -7.70 7.47
C THR A 296 -12.88 -6.71 7.68
N PRO A 297 -13.89 -7.11 8.44
CA PRO A 297 -14.93 -6.13 8.82
C PRO A 297 -14.33 -4.90 9.50
N PHE A 298 -13.37 -5.07 10.42
CA PHE A 298 -12.71 -3.93 11.06
C PHE A 298 -12.03 -3.04 10.02
N ASP A 299 -11.27 -3.64 9.11
CA ASP A 299 -10.62 -2.87 8.05
C ASP A 299 -11.62 -2.04 7.27
N VAL A 300 -12.84 -2.53 7.10
CA VAL A 300 -13.80 -1.76 6.33
C VAL A 300 -14.38 -0.63 7.18
N VAL A 301 -14.71 -0.89 8.45
CA VAL A 301 -15.35 0.17 9.25
C VAL A 301 -14.37 1.29 9.53
N ARG A 302 -13.14 0.95 9.95
CA ARG A 302 -12.16 1.98 10.23
C ARG A 302 -12.06 2.95 9.05
N GLN A 303 -12.19 2.43 7.83
CA GLN A 303 -12.11 3.23 6.61
C GLN A 303 -13.48 3.73 6.15
N CYS A 304 -14.52 3.56 6.97
CA CYS A 304 -15.84 4.09 6.64
C CYS A 304 -16.52 4.65 7.90
N PHE B 7 0.98 -9.39 -8.79
CA PHE B 7 1.48 -8.07 -8.42
C PHE B 7 0.64 -7.44 -7.31
N ARG B 8 1.25 -6.55 -6.53
CA ARG B 8 0.62 -5.82 -5.44
C ARG B 8 0.77 -4.32 -5.64
N LYS B 9 -0.26 -3.55 -5.30
CA LYS B 9 -0.04 -2.12 -5.05
C LYS B 9 0.78 -2.01 -3.78
N MET B 10 2.00 -1.47 -3.89
CA MET B 10 2.95 -1.36 -2.78
C MET B 10 3.27 0.10 -2.53
N ALA B 11 3.05 0.57 -1.31
CA ALA B 11 3.40 1.93 -0.96
C ALA B 11 4.86 2.03 -0.52
N PHE B 12 5.41 3.24 -0.63
CA PHE B 12 6.69 3.48 0.04
C PHE B 12 6.56 3.48 1.55
N PRO B 13 7.64 3.13 2.25
CA PRO B 13 7.66 3.30 3.70
C PRO B 13 7.40 4.77 4.03
N SER B 14 6.53 4.98 4.98
CA SER B 14 5.97 6.29 5.24
C SER B 14 6.69 7.06 6.35
N GLY B 15 7.66 6.44 7.02
CA GLY B 15 8.23 7.04 8.21
C GLY B 15 8.86 8.41 7.99
N LYS B 16 9.55 8.60 6.86
CA LYS B 16 10.16 9.91 6.62
C LYS B 16 9.10 11.00 6.46
N VAL B 17 7.91 10.65 5.97
CA VAL B 17 6.82 11.61 5.84
C VAL B 17 6.04 11.76 7.15
N GLU B 18 5.86 10.67 7.89
CA GLU B 18 5.22 10.76 9.21
C GLU B 18 5.92 11.81 10.07
N GLY B 19 7.25 11.84 10.00
CA GLY B 19 8.01 12.77 10.81
C GLY B 19 7.80 14.22 10.43
N CYS B 20 7.04 14.49 9.38
CA CYS B 20 6.78 15.84 8.88
C CYS B 20 5.34 16.29 9.01
N MET B 21 4.42 15.46 9.50
CA MET B 21 3.02 15.82 9.57
C MET B 21 2.72 16.60 10.84
N VAL B 22 1.95 17.68 10.69
CA VAL B 22 1.46 18.45 11.80
C VAL B 22 0.00 18.77 11.52
N GLN B 23 -0.65 19.37 12.50
CA GLN B 23 -1.98 19.90 12.28
C GLN B 23 -1.96 21.42 12.33
N VAL B 24 -2.88 22.02 11.58
CA VAL B 24 -3.00 23.47 11.44
C VAL B 24 -4.46 23.81 11.63
N THR B 25 -4.73 24.72 12.56
CA THR B 25 -6.09 25.06 12.92
C THR B 25 -6.25 26.57 12.83
N CYS B 26 -7.34 26.96 12.21
CA CYS B 26 -7.85 28.32 12.22
C CYS B 26 -9.26 28.24 12.77
N GLY B 27 -9.49 28.86 13.92
CA GLY B 27 -10.78 28.78 14.57
C GLY B 27 -11.13 27.37 15.01
N THR B 28 -12.13 26.79 14.37
CA THR B 28 -12.46 25.38 14.57
C THR B 28 -12.12 24.52 13.35
N THR B 29 -11.51 25.12 12.32
CA THR B 29 -11.23 24.43 11.06
C THR B 29 -9.82 23.85 11.16
N THR B 30 -9.72 22.53 11.13
CA THR B 30 -8.43 21.87 11.33
C THR B 30 -8.15 21.01 10.11
N LEU B 31 -6.91 21.02 9.69
CA LEU B 31 -6.44 20.08 8.68
C LEU B 31 -4.98 19.82 8.96
N ASN B 32 -4.35 19.10 8.06
CA ASN B 32 -2.97 18.68 8.19
C ASN B 32 -2.04 19.62 7.44
N GLY B 33 -0.81 19.71 7.92
CA GLY B 33 0.25 20.43 7.24
C GLY B 33 1.54 19.62 7.20
N LEU B 34 2.45 20.05 6.34
CA LEU B 34 3.74 19.42 6.10
C LEU B 34 4.83 20.35 6.62
N TRP B 35 5.59 19.87 7.59
CA TRP B 35 6.58 20.67 8.31
C TRP B 35 7.96 20.25 7.79
N LEU B 36 8.61 21.11 7.01
CA LEU B 36 9.91 20.84 6.43
C LEU B 36 10.80 22.02 6.73
N ASP B 37 11.95 21.76 7.35
CA ASP B 37 12.80 22.84 7.84
C ASP B 37 11.92 23.72 8.72
N ASP B 38 11.92 25.04 8.55
CA ASP B 38 11.09 25.89 9.41
C ASP B 38 9.87 26.43 8.69
N VAL B 39 9.33 25.66 7.75
CA VAL B 39 8.13 26.08 7.06
C VAL B 39 7.08 24.98 7.16
N VAL B 40 5.82 25.38 7.35
CA VAL B 40 4.70 24.46 7.33
C VAL B 40 3.83 24.79 6.13
N TYR B 41 3.60 23.79 5.28
CA TYR B 41 2.75 23.94 4.10
C TYR B 41 1.39 23.32 4.33
N CYS B 42 0.31 24.01 3.91
CA CYS B 42 -1.00 23.42 4.11
C CYS B 42 -2.00 24.06 3.13
N PRO B 43 -3.14 23.43 2.94
CA PRO B 43 -4.16 24.02 2.06
C PRO B 43 -4.63 25.35 2.61
N ARG B 44 -4.72 26.36 1.73
CA ARG B 44 -5.14 27.68 2.17
C ARG B 44 -6.57 27.72 2.67
N HIS B 45 -7.41 26.74 2.30
CA HIS B 45 -8.76 26.86 2.82
C HIS B 45 -8.87 26.61 4.31
N VAL B 46 -7.76 26.35 5.00
CA VAL B 46 -7.82 26.33 6.46
C VAL B 46 -8.35 27.66 7.00
N ILE B 47 -8.13 28.77 6.29
CA ILE B 47 -8.59 30.08 6.78
C ILE B 47 -10.07 30.34 6.55
N CYS B 48 -10.80 29.38 6.01
CA CYS B 48 -12.21 29.51 5.68
C CYS B 48 -13.10 28.94 6.78
N THR B 49 -14.14 29.68 7.13
CA THR B 49 -15.27 29.08 7.81
C THR B 49 -16.01 28.16 6.85
N SER B 50 -16.78 27.23 7.42
CA SER B 50 -17.59 26.34 6.59
C SER B 50 -18.44 27.14 5.59
N GLU B 51 -19.04 28.27 6.01
CA GLU B 51 -19.82 29.07 5.07
C GLU B 51 -18.93 29.77 4.06
N ASP B 52 -17.73 30.20 4.49
CA ASP B 52 -16.84 30.87 3.54
C ASP B 52 -16.43 29.94 2.42
N MET B 53 -16.44 28.62 2.65
CA MET B 53 -15.98 27.68 1.64
C MET B 53 -16.87 27.72 0.40
N LEU B 54 -18.12 28.17 0.54
CA LEU B 54 -19.01 28.20 -0.62
C LEU B 54 -18.49 29.12 -1.72
N ASN B 55 -17.91 30.25 -1.36
CA ASN B 55 -17.45 31.22 -2.37
C ASN B 55 -16.40 32.10 -1.72
N PRO B 56 -15.20 31.59 -1.46
CA PRO B 56 -14.25 32.35 -0.65
C PRO B 56 -13.49 33.38 -1.46
N ASN B 57 -13.19 34.49 -0.82
CA ASN B 57 -12.25 35.48 -1.31
C ASN B 57 -10.97 35.29 -0.49
N TYR B 58 -10.01 34.52 -1.02
CA TYR B 58 -8.89 34.09 -0.19
C TYR B 58 -8.00 35.27 0.19
N GLU B 59 -7.77 36.19 -0.75
CA GLU B 59 -6.97 37.38 -0.45
C GLU B 59 -7.59 38.21 0.67
N ASP B 60 -8.90 38.41 0.64
CA ASP B 60 -9.53 39.18 1.71
C ASP B 60 -9.48 38.44 3.04
N LEU B 61 -9.72 37.13 3.00
CA LEU B 61 -9.64 36.33 4.22
C LEU B 61 -8.23 36.35 4.80
N LEU B 62 -7.20 36.42 3.96
CA LEU B 62 -5.83 36.38 4.46
C LEU B 62 -5.45 37.70 5.09
N ILE B 63 -5.91 38.83 4.52
CA ILE B 63 -5.53 40.13 5.05
C ILE B 63 -6.09 40.32 6.46
N ARG B 64 -7.13 39.61 6.80
CA ARG B 64 -7.67 39.70 8.15
C ARG B 64 -6.92 38.82 9.13
N LYS B 65 -5.99 38.02 8.66
CA LYS B 65 -5.25 37.05 9.47
C LYS B 65 -3.91 37.60 9.90
N SER B 66 -3.49 37.18 11.10
CA SER B 66 -2.17 37.45 11.61
C SER B 66 -1.53 36.14 12.00
N ASN B 67 -0.22 36.19 12.27
CA ASN B 67 0.51 34.98 12.69
C ASN B 67 -0.17 34.34 13.89
N HIS B 68 -0.60 35.15 14.86
CA HIS B 68 -1.15 34.58 16.08
C HIS B 68 -2.54 34.00 15.90
N ASN B 69 -3.16 34.04 14.73
CA ASN B 69 -4.40 33.31 14.51
C ASN B 69 -4.20 31.87 14.04
N PHE B 70 -2.96 31.44 13.79
CA PHE B 70 -2.70 30.08 13.31
C PHE B 70 -2.17 29.23 14.44
N LEU B 71 -2.85 28.12 14.71
CA LEU B 71 -2.42 27.15 15.71
C LEU B 71 -1.81 25.98 14.93
N VAL B 72 -0.51 25.84 15.04
CA VAL B 72 0.21 24.72 14.44
C VAL B 72 0.67 23.82 15.56
N GLN B 73 0.37 22.54 15.47
CA GLN B 73 0.73 21.59 16.51
C GLN B 73 1.39 20.38 15.90
N ALA B 74 2.51 19.95 16.50
CA ALA B 74 3.07 18.63 16.26
C ALA B 74 2.67 17.78 17.45
N GLY B 75 1.74 16.85 17.25
CA GLY B 75 1.10 16.26 18.41
C GLY B 75 0.35 17.35 19.16
N ASN B 76 0.51 17.38 20.49
CA ASN B 76 -0.05 18.44 21.31
C ASN B 76 0.91 19.60 21.55
N VAL B 77 2.03 19.64 20.85
CA VAL B 77 3.07 20.64 21.07
C VAL B 77 2.89 21.76 20.07
N GLN B 78 2.65 22.97 20.56
CA GLN B 78 2.46 24.10 19.67
C GLN B 78 3.79 24.55 19.08
N LEU B 79 3.75 24.82 17.78
CA LEU B 79 4.81 25.44 17.00
C LEU B 79 4.43 26.88 16.71
N ARG B 80 5.24 27.82 17.17
CA ARG B 80 4.86 29.21 17.01
C ARG B 80 5.05 29.65 15.57
N VAL B 81 4.03 30.31 15.01
CA VAL B 81 4.08 30.83 13.65
C VAL B 81 4.68 32.22 13.70
N ILE B 82 5.67 32.48 12.83
CA ILE B 82 6.33 33.78 12.81
C ILE B 82 6.24 34.46 11.43
N GLY B 83 5.44 33.92 10.53
CA GLY B 83 5.35 34.45 9.20
C GLY B 83 4.31 33.66 8.44
N HIS B 84 3.59 34.31 7.53
CA HIS B 84 2.67 33.59 6.68
C HIS B 84 2.64 34.22 5.30
N SER B 85 2.48 33.39 4.29
CA SER B 85 2.25 33.88 2.93
C SER B 85 1.43 32.84 2.16
N MET B 86 0.79 33.28 1.08
CA MET B 86 -0.02 32.40 0.25
C MET B 86 0.69 32.22 -1.08
N GLN B 87 0.86 30.95 -1.49
CA GLN B 87 1.43 30.62 -2.79
C GLN B 87 0.38 29.79 -3.51
N ASN B 88 -0.26 30.40 -4.50
CA ASN B 88 -1.33 29.72 -5.20
C ASN B 88 -2.35 29.22 -4.20
N CYS B 89 -2.60 27.92 -4.10
CA CYS B 89 -3.62 27.42 -3.20
C CYS B 89 -3.04 26.82 -1.92
N VAL B 90 -1.78 27.07 -1.63
CA VAL B 90 -1.20 26.63 -0.37
C VAL B 90 -0.74 27.84 0.42
N LEU B 91 -0.77 27.64 1.72
CA LEU B 91 -0.25 28.55 2.72
C LEU B 91 1.11 28.04 3.17
N LYS B 92 2.07 28.96 3.29
CA LYS B 92 3.38 28.70 3.85
C LYS B 92 3.44 29.46 5.17
N LEU B 93 3.55 28.70 6.26
CA LEU B 93 3.62 29.29 7.59
C LEU B 93 5.04 29.11 8.09
N LYS B 94 5.74 30.23 8.29
CA LYS B 94 7.08 30.17 8.85
C LYS B 94 6.95 29.96 10.34
N VAL B 95 7.72 29.00 10.89
CA VAL B 95 7.62 28.63 12.28
C VAL B 95 9.00 28.82 12.91
N ASP B 96 9.02 28.88 14.22
CA ASP B 96 10.24 29.25 14.92
C ASP B 96 11.14 28.07 15.21
N THR B 97 10.80 26.88 14.74
CA THR B 97 11.58 25.66 14.96
C THR B 97 11.77 24.93 13.64
N ALA B 98 13.02 24.60 13.34
CA ALA B 98 13.30 23.76 12.18
C ALA B 98 13.05 22.30 12.55
N ASN B 99 12.29 21.61 11.72
CA ASN B 99 11.94 20.21 11.99
C ASN B 99 13.20 19.34 11.99
N PRO B 100 13.57 18.77 13.16
CA PRO B 100 14.75 17.90 13.19
C PRO B 100 14.58 16.61 12.40
N LYS B 101 13.34 16.24 12.05
CA LYS B 101 13.10 15.04 11.24
C LYS B 101 12.99 15.32 9.76
N THR B 102 13.37 16.51 9.32
CA THR B 102 13.25 16.86 7.91
C THR B 102 14.10 15.90 7.08
N PRO B 103 13.54 15.21 6.09
CA PRO B 103 14.36 14.37 5.23
C PRO B 103 15.02 15.21 4.14
N LYS B 104 15.90 14.57 3.36
CA LYS B 104 16.20 15.16 2.05
C LYS B 104 14.90 15.14 1.25
N TYR B 105 14.57 16.24 0.58
CA TYR B 105 13.31 16.28 -0.15
C TYR B 105 13.37 17.17 -1.38
N LYS B 106 12.38 16.98 -2.25
CA LYS B 106 12.17 17.76 -3.45
C LYS B 106 10.67 17.97 -3.56
N PHE B 107 10.29 19.05 -4.20
CA PHE B 107 8.91 19.25 -4.64
C PHE B 107 8.84 18.97 -6.14
N VAL B 108 8.01 17.99 -6.53
CA VAL B 108 7.89 17.66 -7.95
C VAL B 108 6.43 17.68 -8.35
N ARG B 109 6.21 18.01 -9.61
CA ARG B 109 4.89 18.01 -10.21
C ARG B 109 4.85 16.82 -11.17
N ILE B 110 3.98 15.87 -10.87
CA ILE B 110 3.95 14.63 -11.62
C ILE B 110 3.03 14.78 -12.82
N GLN B 111 3.19 13.82 -13.80
CA GLN B 111 2.33 13.73 -14.95
C GLN B 111 1.23 12.71 -14.70
N PRO B 112 0.10 12.82 -15.37
CA PRO B 112 -0.91 11.75 -15.31
C PRO B 112 -0.27 10.40 -15.67
N GLY B 113 -0.77 9.35 -15.01
CA GLY B 113 -0.22 8.04 -15.10
C GLY B 113 0.74 7.71 -13.98
N GLN B 114 1.43 8.70 -13.42
CA GLN B 114 2.43 8.42 -12.41
C GLN B 114 1.74 8.04 -11.11
N THR B 115 2.39 7.17 -10.36
CA THR B 115 1.87 6.68 -9.10
C THR B 115 2.65 7.30 -7.94
N PHE B 116 2.03 7.26 -6.77
CA PHE B 116 2.65 7.85 -5.59
C PHE B 116 1.92 7.30 -4.40
N SER B 117 2.59 7.34 -3.26
CA SER B 117 2.02 6.89 -2.02
C SER B 117 1.33 8.06 -1.33
N VAL B 118 0.20 7.78 -0.70
CA VAL B 118 -0.54 8.77 0.07
C VAL B 118 -0.49 8.35 1.53
N LEU B 119 -0.09 9.27 2.40
CA LEU B 119 -0.15 9.03 3.82
C LEU B 119 -1.40 9.76 4.29
N ALA B 120 -2.48 9.04 4.52
CA ALA B 120 -3.73 9.69 4.89
C ALA B 120 -3.65 10.06 6.36
N CYS B 121 -3.92 11.32 6.69
CA CYS B 121 -3.74 11.84 8.03
C CYS B 121 -5.01 12.49 8.53
N TYR B 122 -5.18 12.47 9.84
CA TYR B 122 -6.28 13.19 10.49
C TYR B 122 -5.73 13.85 11.75
N ASN B 123 -5.96 15.16 11.90
CA ASN B 123 -5.50 15.88 13.08
C ASN B 123 -4.00 15.71 13.29
N GLY B 124 -3.24 15.67 12.19
CA GLY B 124 -1.81 15.56 12.24
C GLY B 124 -1.32 14.16 12.52
N SER B 125 -2.21 13.17 12.65
CA SER B 125 -1.82 11.81 13.00
C SER B 125 -2.02 10.91 11.79
N PRO B 126 -1.00 10.21 11.35
CA PRO B 126 -1.20 9.28 10.23
C PRO B 126 -2.15 8.14 10.57
N SER B 127 -2.99 7.79 9.61
CA SER B 127 -3.92 6.67 9.72
C SER B 127 -3.54 5.50 8.84
N GLY B 128 -3.00 5.74 7.65
CA GLY B 128 -2.82 4.67 6.67
C GLY B 128 -1.98 5.18 5.52
N VAL B 129 -1.36 4.24 4.80
CA VAL B 129 -0.62 4.57 3.60
C VAL B 129 -1.07 3.65 2.46
N TYR B 130 -1.15 4.20 1.26
CA TYR B 130 -1.60 3.43 0.10
C TYR B 130 -1.16 4.12 -1.18
N GLN B 131 -1.14 3.34 -2.25
CA GLN B 131 -0.68 3.80 -3.55
C GLN B 131 -1.84 4.34 -4.37
N CYS B 132 -1.60 5.48 -5.04
CA CYS B 132 -2.59 6.16 -5.89
C CYS B 132 -1.97 6.39 -7.25
N ALA B 133 -2.79 6.41 -8.29
CA ALA B 133 -2.34 6.85 -9.60
C ALA B 133 -3.05 8.15 -9.97
N MET B 134 -2.29 9.08 -10.52
CA MET B 134 -2.84 10.29 -11.10
C MET B 134 -3.52 9.93 -12.43
N ARG B 135 -4.84 10.08 -12.48
CA ARG B 135 -5.62 9.74 -13.66
C ARG B 135 -5.42 10.77 -14.76
N PRO B 136 -5.70 10.40 -16.02
CA PRO B 136 -5.51 11.37 -17.11
C PRO B 136 -6.41 12.57 -16.98
N ASN B 137 -7.50 12.47 -16.23
CA ASN B 137 -8.37 13.62 -15.97
C ASN B 137 -7.95 14.34 -14.68
N PHE B 138 -6.78 14.03 -14.14
CA PHE B 138 -6.17 14.78 -13.04
C PHE B 138 -6.95 14.63 -11.75
N THR B 139 -7.60 13.50 -11.59
CA THR B 139 -8.13 13.08 -10.31
C THR B 139 -7.36 11.86 -9.83
N ILE B 140 -7.52 11.53 -8.55
CA ILE B 140 -7.03 10.30 -7.98
C ILE B 140 -8.19 9.63 -7.27
N LYS B 141 -8.11 8.30 -7.17
CA LYS B 141 -9.06 7.50 -6.38
C LYS B 141 -8.46 7.29 -4.99
N GLY B 142 -8.65 8.29 -4.14
CA GLY B 142 -8.15 8.25 -2.79
C GLY B 142 -9.14 7.58 -1.86
N SER B 143 -8.77 7.56 -0.59
CA SER B 143 -9.65 7.15 0.49
C SER B 143 -9.44 8.28 1.50
N PHE B 144 -10.30 9.27 1.41
CA PHE B 144 -10.18 10.49 2.19
C PHE B 144 -11.51 10.80 2.85
N LEU B 145 -11.45 11.02 4.15
CA LEU B 145 -12.58 11.44 4.98
C LEU B 145 -12.43 12.90 5.38
N ASN B 146 -13.44 13.42 6.07
CA ASN B 146 -13.33 14.77 6.60
C ASN B 146 -12.09 14.88 7.47
N GLY B 147 -11.37 16.00 7.33
CA GLY B 147 -10.19 16.26 8.11
C GLY B 147 -8.91 15.80 7.46
N SER B 148 -8.99 15.24 6.25
CA SER B 148 -7.86 14.63 5.56
C SER B 148 -7.07 15.62 4.70
N CYS B 149 -7.62 16.81 4.43
CA CYS B 149 -6.90 17.79 3.63
C CYS B 149 -5.53 18.09 4.24
N GLY B 150 -4.56 18.38 3.37
CA GLY B 150 -3.20 18.50 3.79
C GLY B 150 -2.42 17.21 3.81
N SER B 151 -3.09 16.04 3.73
CA SER B 151 -2.39 14.79 3.53
C SER B 151 -1.62 14.86 2.22
N VAL B 152 -0.44 14.22 2.18
CA VAL B 152 0.40 14.44 1.02
C VAL B 152 0.68 13.11 0.32
N GLY B 153 1.02 13.25 -0.96
CA GLY B 153 1.45 12.14 -1.79
C GLY B 153 2.91 12.32 -2.14
N PHE B 154 3.63 11.19 -2.26
CA PHE B 154 5.08 11.28 -2.38
C PHE B 154 5.63 10.00 -3.00
N ASN B 155 6.83 10.14 -3.58
CA ASN B 155 7.70 9.03 -3.93
C ASN B 155 9.04 9.19 -3.21
N ILE B 156 9.72 8.08 -2.99
CA ILE B 156 10.99 8.10 -2.28
C ILE B 156 12.03 7.49 -3.19
N ASP B 157 13.00 8.29 -3.60
CA ASP B 157 14.12 7.85 -4.45
C ASP B 157 15.39 7.88 -3.60
N TYR B 158 15.96 6.71 -3.35
CA TYR B 158 17.13 6.61 -2.50
C TYR B 158 16.76 7.10 -1.10
N ASP B 159 17.28 8.25 -0.71
CA ASP B 159 16.95 8.82 0.60
C ASP B 159 16.05 10.04 0.47
N CYS B 160 15.63 10.36 -0.75
CA CYS B 160 15.03 11.64 -1.04
C CYS B 160 13.53 11.46 -1.24
N VAL B 161 12.75 12.22 -0.48
CA VAL B 161 11.31 12.24 -0.62
C VAL B 161 10.94 13.32 -1.61
N SER B 162 10.32 12.91 -2.74
CA SER B 162 9.75 13.84 -3.71
C SER B 162 8.27 14.02 -3.38
N PHE B 163 7.90 15.19 -2.87
CA PHE B 163 6.51 15.44 -2.58
C PHE B 163 5.80 15.89 -3.87
N CYS B 164 4.71 15.22 -4.22
CA CYS B 164 4.01 15.58 -5.44
C CYS B 164 2.55 15.98 -5.29
N TYR B 165 1.89 15.70 -4.16
CA TYR B 165 0.46 15.93 -4.03
C TYR B 165 0.12 16.40 -2.62
N MET B 166 -0.85 17.30 -2.54
CA MET B 166 -1.44 17.71 -1.27
C MET B 166 -2.96 17.73 -1.44
N HIS B 167 -3.69 17.13 -0.52
CA HIS B 167 -5.09 16.86 -0.75
C HIS B 167 -5.96 18.06 -0.37
N HIS B 168 -6.93 18.36 -1.24
CA HIS B 168 -7.82 19.52 -1.04
C HIS B 168 -9.32 19.23 -1.10
N MET B 169 -9.78 18.32 -1.96
CA MET B 169 -11.22 18.19 -2.15
C MET B 169 -11.67 16.85 -2.73
N GLU B 170 -12.98 16.63 -2.64
CA GLU B 170 -13.69 15.50 -3.23
C GLU B 170 -14.71 16.00 -4.25
N LEU B 171 -14.67 15.43 -5.44
CA LEU B 171 -15.61 15.79 -6.51
C LEU B 171 -16.90 14.99 -6.37
N PRO B 172 -17.93 15.38 -7.13
CA PRO B 172 -19.24 14.70 -6.97
C PRO B 172 -19.20 13.21 -7.25
N THR B 173 -18.29 12.74 -8.12
CA THR B 173 -18.21 11.33 -8.47
C THR B 173 -17.44 10.52 -7.45
N GLY B 174 -16.97 11.13 -6.37
CA GLY B 174 -16.26 10.43 -5.31
C GLY B 174 -14.77 10.33 -5.48
N VAL B 175 -14.21 10.89 -6.55
CA VAL B 175 -12.76 10.96 -6.72
C VAL B 175 -12.26 12.27 -6.10
N HIS B 176 -10.95 12.42 -6.04
CA HIS B 176 -10.29 13.43 -5.22
C HIS B 176 -9.39 14.28 -6.10
N ALA B 177 -9.21 15.52 -5.67
CA ALA B 177 -8.39 16.50 -6.37
C ALA B 177 -7.59 17.32 -5.36
N GLY B 178 -6.48 17.86 -5.85
CA GLY B 178 -5.55 18.61 -5.03
C GLY B 178 -4.44 19.20 -5.87
N THR B 179 -3.37 19.62 -5.20
CA THR B 179 -2.35 20.48 -5.78
C THR B 179 -1.01 19.80 -5.62
N ASP B 180 0.02 20.37 -6.24
CA ASP B 180 1.40 20.05 -5.95
C ASP B 180 1.79 20.84 -4.70
N LEU B 181 3.04 20.75 -4.29
CA LEU B 181 3.43 21.47 -3.08
C LEU B 181 3.73 22.94 -3.33
N GLU B 182 3.61 23.41 -4.58
CA GLU B 182 3.60 24.83 -4.88
C GLU B 182 2.18 25.38 -4.99
N GLY B 183 1.16 24.59 -4.67
CA GLY B 183 -0.19 25.05 -4.60
C GLY B 183 -0.94 25.07 -5.90
N ASN B 184 -0.36 24.57 -6.99
CA ASN B 184 -1.03 24.56 -8.28
C ASN B 184 -1.85 23.29 -8.43
N PHE B 185 -3.15 23.44 -8.64
CA PHE B 185 -4.01 22.28 -8.78
C PHE B 185 -3.53 21.43 -9.94
N TYR B 186 -3.72 20.13 -9.81
CA TYR B 186 -3.67 19.25 -10.97
C TYR B 186 -5.03 19.38 -11.64
N GLY B 187 -5.02 19.63 -12.94
CA GLY B 187 -6.26 19.68 -13.68
C GLY B 187 -7.02 20.98 -13.46
N PRO B 188 -8.28 21.00 -13.92
CA PRO B 188 -9.03 22.27 -13.98
C PRO B 188 -9.86 22.56 -12.74
N PHE B 189 -9.36 22.29 -11.55
CA PHE B 189 -10.19 22.44 -10.37
C PHE B 189 -9.76 23.68 -9.62
N VAL B 190 -10.66 24.13 -8.74
CA VAL B 190 -10.48 25.31 -7.90
C VAL B 190 -10.92 24.92 -6.51
N ASP B 191 -10.31 25.55 -5.49
CA ASP B 191 -10.66 25.26 -4.10
C ASP B 191 -11.83 26.15 -3.66
N ARG B 192 -12.99 25.91 -4.29
CA ARG B 192 -14.28 26.46 -3.88
C ARG B 192 -15.21 25.28 -3.69
N GLN B 193 -16.07 25.33 -2.69
CA GLN B 193 -16.99 24.22 -2.48
C GLN B 193 -18.21 24.44 -3.39
N THR B 194 -17.93 24.32 -4.68
CA THR B 194 -18.93 24.33 -5.74
C THR B 194 -18.87 22.99 -6.46
N ALA B 195 -19.94 22.65 -7.17
CA ALA B 195 -19.94 21.42 -7.94
C ALA B 195 -19.04 21.56 -9.15
N GLN B 196 -18.07 20.67 -9.27
CA GLN B 196 -17.09 20.67 -10.35
C GLN B 196 -17.03 19.25 -10.90
N ALA B 197 -16.87 19.13 -12.21
CA ALA B 197 -16.91 17.83 -12.87
C ALA B 197 -15.54 17.47 -13.40
N ALA B 198 -15.10 16.26 -13.11
CA ALA B 198 -13.92 15.74 -13.76
C ALA B 198 -14.23 15.38 -15.21
N GLY B 199 -13.30 15.71 -16.12
CA GLY B 199 -13.41 15.25 -17.48
C GLY B 199 -13.48 13.73 -17.55
N THR B 200 -14.00 13.22 -18.65
CA THR B 200 -14.14 11.77 -18.74
C THR B 200 -12.75 11.13 -18.67
N ASP B 201 -12.65 10.08 -17.88
CA ASP B 201 -11.38 9.42 -17.62
C ASP B 201 -11.05 8.50 -18.79
N THR B 202 -9.77 8.24 -18.95
CA THR B 202 -9.26 7.37 -20.00
C THR B 202 -8.29 6.41 -19.36
N THR B 203 -7.94 5.36 -20.10
CA THR B 203 -7.00 4.35 -19.62
C THR B 203 -5.55 4.80 -19.82
N ILE B 204 -4.69 4.51 -18.85
CA ILE B 204 -3.32 4.99 -18.88
C ILE B 204 -2.49 4.03 -19.72
N THR B 205 -2.34 4.37 -21.00
CA THR B 205 -1.72 3.48 -21.97
C THR B 205 -0.32 3.09 -21.56
N VAL B 206 0.47 4.05 -21.08
CA VAL B 206 1.88 3.75 -20.78
C VAL B 206 1.97 2.68 -19.70
N ASN B 207 1.05 2.72 -18.75
CA ASN B 207 1.04 1.74 -17.69
C ASN B 207 0.53 0.39 -18.17
N VAL B 208 -0.46 0.37 -19.06
CA VAL B 208 -0.87 -0.92 -19.63
C VAL B 208 0.32 -1.56 -20.32
N LEU B 209 1.10 -0.79 -21.09
CA LEU B 209 2.28 -1.35 -21.75
C LEU B 209 3.29 -1.87 -20.73
N ALA B 210 3.54 -1.10 -19.68
CA ALA B 210 4.38 -1.59 -18.58
C ALA B 210 3.92 -2.93 -18.05
N TRP B 211 2.61 -3.07 -17.88
CA TRP B 211 1.98 -4.32 -17.46
C TRP B 211 2.22 -5.45 -18.47
N LEU B 212 2.17 -5.15 -19.78
CA LEU B 212 2.46 -6.19 -20.76
C LEU B 212 3.92 -6.64 -20.67
N TYR B 213 4.84 -5.67 -20.50
CA TYR B 213 6.24 -6.01 -20.27
C TYR B 213 6.37 -6.89 -19.04
N ALA B 214 5.69 -6.51 -17.95
CA ALA B 214 5.69 -7.32 -16.74
C ALA B 214 5.26 -8.75 -17.05
N ALA B 215 4.19 -8.90 -17.82
CA ALA B 215 3.75 -10.24 -18.21
C ALA B 215 4.85 -10.99 -18.97
N VAL B 216 5.54 -10.31 -19.88
CA VAL B 216 6.57 -11.00 -20.67
C VAL B 216 7.72 -11.42 -19.77
N ILE B 217 8.14 -10.55 -18.85
CA ILE B 217 9.22 -10.88 -17.91
C ILE B 217 8.92 -12.16 -17.15
N ASN B 218 7.65 -12.44 -16.87
CA ASN B 218 7.26 -13.65 -16.14
C ASN B 218 6.87 -14.80 -17.05
N GLY B 219 7.15 -14.70 -18.33
CA GLY B 219 6.97 -15.82 -19.25
C GLY B 219 5.61 -15.91 -19.90
N ASP B 220 4.77 -14.89 -19.73
CA ASP B 220 3.40 -14.87 -20.26
C ASP B 220 3.43 -13.98 -21.50
N ARG B 221 3.53 -14.58 -22.69
CA ARG B 221 3.78 -13.74 -23.87
C ARG B 221 2.97 -14.15 -25.09
N TRP B 222 1.86 -14.84 -24.92
CA TRP B 222 1.05 -15.22 -26.08
C TRP B 222 0.68 -14.04 -26.96
N PHE B 223 0.47 -12.85 -26.37
CA PHE B 223 -0.07 -11.69 -27.05
C PHE B 223 0.95 -10.97 -27.92
N LEU B 224 2.22 -11.37 -27.87
CA LEU B 224 3.25 -10.74 -28.71
C LEU B 224 3.04 -11.17 -30.15
N ASN B 225 2.93 -10.20 -31.06
CA ASN B 225 2.67 -10.45 -32.47
C ASN B 225 3.88 -10.03 -33.28
N ARG B 226 3.86 -10.34 -34.58
CA ARG B 226 5.01 -10.10 -35.45
C ARG B 226 5.03 -8.71 -36.08
N PHE B 227 4.10 -7.82 -35.74
CA PHE B 227 3.99 -6.51 -36.39
C PHE B 227 4.53 -5.40 -35.50
N THR B 228 4.73 -4.22 -36.12
CA THR B 228 4.99 -2.98 -35.40
C THR B 228 4.05 -1.90 -35.93
N THR B 229 4.22 -0.68 -35.46
CA THR B 229 3.35 0.43 -35.82
C THR B 229 4.14 1.72 -35.65
N THR B 230 3.60 2.81 -36.19
CA THR B 230 4.13 4.12 -35.88
C THR B 230 3.44 4.60 -34.62
N LEU B 231 4.08 5.56 -33.97
CA LEU B 231 3.53 6.10 -32.73
C LEU B 231 2.25 6.88 -33.00
N ASN B 232 2.25 7.69 -34.06
CA ASN B 232 1.03 8.41 -34.47
C ASN B 232 -0.13 7.48 -34.82
N ASP B 233 0.13 6.43 -35.63
CA ASP B 233 -0.93 5.47 -35.92
C ASP B 233 -1.49 4.84 -34.65
N PHE B 234 -0.60 4.39 -33.75
CA PHE B 234 -1.08 3.80 -32.50
C PHE B 234 -1.92 4.81 -31.72
N ASN B 235 -1.49 6.06 -31.66
CA ASN B 235 -2.16 7.06 -30.84
C ASN B 235 -3.57 7.31 -31.38
N LEU B 236 -3.71 7.34 -32.70
CA LEU B 236 -5.02 7.62 -33.30
C LEU B 236 -5.97 6.44 -33.06
N VAL B 237 -5.48 5.22 -33.19
CA VAL B 237 -6.32 4.06 -32.87
C VAL B 237 -6.64 4.01 -31.38
N ALA B 238 -5.64 4.25 -30.55
CA ALA B 238 -5.86 4.10 -29.11
C ALA B 238 -6.98 5.01 -28.62
N MET B 239 -7.00 6.26 -29.10
CA MET B 239 -8.00 7.21 -28.64
C MET B 239 -9.41 6.72 -28.95
N LYS B 240 -9.57 5.91 -30.00
CA LYS B 240 -10.88 5.36 -30.34
C LYS B 240 -11.35 4.34 -29.32
N TYR B 241 -10.43 3.78 -28.52
CA TYR B 241 -10.76 2.87 -27.44
C TYR B 241 -10.70 3.54 -26.06
N ASN B 242 -10.65 4.87 -26.03
CA ASN B 242 -10.58 5.63 -24.77
C ASN B 242 -9.28 5.35 -24.01
N TYR B 243 -8.22 5.07 -24.76
CA TYR B 243 -6.88 5.00 -24.23
C TYR B 243 -6.19 6.33 -24.47
N GLU B 244 -5.32 6.71 -23.53
CA GLU B 244 -4.54 7.93 -23.69
C GLU B 244 -3.56 7.80 -24.84
N PRO B 245 -3.27 8.89 -25.55
CA PRO B 245 -2.14 8.84 -26.48
C PRO B 245 -0.84 8.85 -25.70
N LEU B 246 0.18 8.30 -26.31
CA LEU B 246 1.51 8.27 -25.73
C LEU B 246 2.29 9.53 -26.09
N THR B 247 3.06 10.00 -25.13
CA THR B 247 4.01 11.08 -25.31
C THR B 247 5.41 10.50 -25.56
N GLN B 248 6.32 11.36 -26.00
CA GLN B 248 7.71 10.95 -26.12
C GLN B 248 8.27 10.56 -24.75
N ASP B 249 7.83 11.19 -23.67
CA ASP B 249 8.33 10.85 -22.34
C ASP B 249 7.87 9.45 -21.94
N HIS B 250 6.66 9.07 -22.33
CA HIS B 250 6.18 7.71 -22.10
C HIS B 250 7.06 6.70 -22.84
N VAL B 251 7.41 7.00 -24.08
CA VAL B 251 8.24 6.08 -24.84
C VAL B 251 9.57 5.93 -24.12
N ASP B 252 10.08 7.04 -23.57
CA ASP B 252 11.37 7.01 -22.88
C ASP B 252 11.29 6.24 -21.57
N ILE B 253 10.21 6.39 -20.80
CA ILE B 253 10.16 5.67 -19.53
C ILE B 253 9.92 4.17 -19.69
N LEU B 254 9.46 3.71 -20.87
CA LEU B 254 9.39 2.30 -21.19
C LEU B 254 10.74 1.73 -21.62
N GLY B 255 11.75 2.57 -21.77
CA GLY B 255 13.02 2.16 -22.31
C GLY B 255 13.65 1.03 -21.53
N PRO B 256 13.72 1.13 -20.21
CA PRO B 256 14.38 0.05 -19.44
C PRO B 256 13.70 -1.32 -19.58
N LEU B 257 12.35 -1.36 -19.60
CA LEU B 257 11.62 -2.61 -19.75
C LEU B 257 11.77 -3.15 -21.16
N SER B 258 11.79 -2.24 -22.15
CA SER B 258 12.06 -2.63 -23.53
C SER B 258 13.44 -3.27 -23.64
N ALA B 259 14.44 -2.69 -22.99
CA ALA B 259 15.80 -3.25 -23.02
C ALA B 259 15.87 -4.58 -22.28
N GLN B 260 15.19 -4.69 -21.14
CA GLN B 260 15.18 -5.92 -20.36
C GLN B 260 14.57 -7.08 -21.15
N THR B 261 13.53 -6.81 -21.94
CA THR B 261 12.86 -7.86 -22.69
C THR B 261 13.31 -7.94 -24.17
N GLY B 262 13.98 -6.93 -24.69
CA GLY B 262 14.31 -6.87 -26.09
C GLY B 262 13.14 -6.64 -27.02
N ILE B 263 12.00 -6.23 -26.49
CA ILE B 263 10.82 -5.93 -27.29
C ILE B 263 10.73 -4.42 -27.44
N ALA B 264 10.89 -3.91 -28.67
CA ALA B 264 10.79 -2.48 -28.91
C ALA B 264 9.42 -1.96 -28.49
N VAL B 265 9.41 -0.71 -28.03
CA VAL B 265 8.19 -0.11 -27.50
C VAL B 265 7.09 -0.17 -28.55
N LEU B 266 7.42 0.20 -29.79
CA LEU B 266 6.39 0.30 -30.83
C LEU B 266 5.89 -1.08 -31.25
N ASP B 267 6.73 -2.12 -31.09
CA ASP B 267 6.25 -3.48 -31.28
C ASP B 267 5.25 -3.87 -30.20
N MET B 268 5.53 -3.46 -28.96
CA MET B 268 4.57 -3.75 -27.92
C MET B 268 3.26 -2.99 -28.18
N CYS B 269 3.37 -1.75 -28.68
CA CYS B 269 2.19 -0.99 -29.06
C CYS B 269 1.36 -1.74 -30.10
N ALA B 270 2.02 -2.33 -31.09
CA ALA B 270 1.30 -3.13 -32.08
C ALA B 270 0.58 -4.31 -31.41
N SER B 271 1.22 -4.96 -30.45
CA SER B 271 0.54 -6.04 -29.72
C SER B 271 -0.65 -5.53 -28.93
N LEU B 272 -0.52 -4.34 -28.34
CA LEU B 272 -1.62 -3.82 -27.57
C LEU B 272 -2.79 -3.49 -28.50
N LYS B 273 -2.48 -2.84 -29.62
CA LYS B 273 -3.50 -2.52 -30.61
C LYS B 273 -4.29 -3.75 -31.01
N GLU B 274 -3.61 -4.88 -31.21
CA GLU B 274 -4.34 -6.10 -31.59
C GLU B 274 -5.22 -6.59 -30.44
N LEU B 275 -4.78 -6.41 -29.20
CA LEU B 275 -5.63 -6.74 -28.06
C LEU B 275 -6.87 -5.85 -28.06
N LEU B 276 -6.71 -4.58 -28.39
CA LEU B 276 -7.85 -3.67 -28.37
C LEU B 276 -8.80 -4.01 -29.51
N GLN B 277 -8.26 -4.35 -30.68
CA GLN B 277 -9.08 -4.56 -31.86
C GLN B 277 -9.73 -5.93 -31.88
N ASN B 278 -9.07 -6.96 -31.36
CA ASN B 278 -9.62 -8.32 -31.41
C ASN B 278 -10.05 -8.83 -30.05
N GLY B 279 -9.88 -8.06 -29.00
CA GLY B 279 -10.20 -8.52 -27.66
C GLY B 279 -9.26 -9.60 -27.15
N MET B 280 -9.48 -9.97 -25.89
CA MET B 280 -8.71 -11.05 -25.28
C MET B 280 -9.08 -12.41 -25.85
N ASN B 281 -10.28 -12.55 -26.39
CA ASN B 281 -10.75 -13.83 -26.91
C ASN B 281 -10.70 -14.89 -25.81
N GLY B 282 -11.01 -14.48 -24.59
CA GLY B 282 -11.09 -15.38 -23.46
C GLY B 282 -9.77 -15.67 -22.78
N ARG B 283 -8.65 -15.27 -23.35
CA ARG B 283 -7.37 -15.55 -22.73
C ARG B 283 -7.13 -14.56 -21.57
N THR B 284 -6.18 -14.91 -20.72
CA THR B 284 -5.80 -14.06 -19.60
C THR B 284 -4.33 -13.65 -19.75
N ILE B 285 -3.99 -12.54 -19.08
CA ILE B 285 -2.63 -12.03 -19.00
C ILE B 285 -2.34 -11.82 -17.53
N LEU B 286 -1.27 -12.44 -17.03
CA LEU B 286 -0.93 -12.35 -15.62
C LEU B 286 -2.12 -12.73 -14.74
N GLY B 287 -2.89 -13.72 -15.21
CA GLY B 287 -3.98 -14.23 -14.42
C GLY B 287 -5.07 -13.18 -14.27
N SER B 288 -5.55 -12.68 -15.40
CA SER B 288 -6.55 -11.63 -15.43
C SER B 288 -6.95 -11.34 -16.88
N ALA B 289 -8.24 -11.17 -17.13
CA ALA B 289 -8.70 -10.70 -18.43
C ALA B 289 -8.74 -9.18 -18.50
N LEU B 290 -8.53 -8.49 -17.38
CA LEU B 290 -8.45 -7.04 -17.37
C LEU B 290 -7.01 -6.59 -17.50
N LEU B 291 -6.82 -5.56 -18.33
CA LEU B 291 -5.52 -4.89 -18.44
C LEU B 291 -5.39 -3.86 -17.32
N GLU B 292 -4.37 -4.02 -16.48
CA GLU B 292 -4.11 -3.14 -15.36
C GLU B 292 -3.40 -1.88 -15.84
N ASP B 293 -3.83 -0.70 -15.33
CA ASP B 293 -3.27 0.58 -15.78
C ASP B 293 -2.78 1.47 -14.63
N GLU B 294 -2.55 0.91 -13.44
CA GLU B 294 -2.06 1.70 -12.31
C GLU B 294 -0.69 1.24 -11.81
N PHE B 295 0.06 0.50 -12.63
CA PHE B 295 1.45 0.13 -12.38
C PHE B 295 2.32 0.82 -13.43
N THR B 296 3.16 1.74 -12.96
CA THR B 296 4.06 2.41 -13.88
C THR B 296 5.23 1.51 -14.25
N PRO B 297 6.03 1.93 -15.25
CA PRO B 297 7.27 1.17 -15.55
C PRO B 297 8.19 1.05 -14.36
N PHE B 298 8.38 2.14 -13.62
CA PHE B 298 9.11 2.08 -12.36
C PHE B 298 8.52 1.06 -11.40
N ASP B 299 7.19 1.08 -11.21
CA ASP B 299 6.53 0.11 -10.35
C ASP B 299 6.82 -1.33 -10.77
N VAL B 300 6.81 -1.59 -12.08
CA VAL B 300 7.03 -2.96 -12.54
C VAL B 300 8.43 -3.42 -12.18
N VAL B 301 9.40 -2.51 -12.29
CA VAL B 301 10.77 -2.83 -11.91
C VAL B 301 10.87 -3.12 -10.40
N ARG B 302 10.33 -2.21 -9.57
CA ARG B 302 10.35 -2.38 -8.11
C ARG B 302 9.92 -3.78 -7.67
N GLN B 303 8.96 -4.39 -8.38
CA GLN B 303 8.40 -5.67 -7.96
C GLN B 303 8.92 -6.86 -8.75
N CYS B 304 9.68 -6.62 -9.82
CA CYS B 304 10.39 -7.69 -10.49
C CYS B 304 11.84 -7.75 -10.02
N SER B 305 12.32 -6.74 -9.28
CA SER B 305 13.61 -6.75 -8.60
C SER B 305 13.94 -5.44 -7.88
N GLY B 306 13.90 -5.44 -6.55
CA GLY B 306 14.22 -4.26 -5.74
C GLY B 306 15.17 -4.55 -4.58
C12 FV5 C . 13.25 -15.18 0.74
C14 FV5 C . 11.37 -15.30 -0.90
C16 FV5 C . 12.72 -15.51 -2.86
C19 FV5 C . 15.03 -15.02 2.57
C23 FV5 C . 12.23 -21.28 -1.99
C24 FV5 C . 12.27 -20.25 -3.13
C26 FV5 C . 12.91 -21.20 -5.39
C27 FV5 C . 12.43 -21.24 -6.87
C31 FV5 C . 8.72 -21.55 -8.77
C02 FV5 C . 13.34 -20.38 -0.05
C04 FV5 C . 14.48 -19.68 2.11
C05 FV5 C . 15.51 -20.23 3.11
C06 FV5 C . 15.25 -21.64 3.56
C07 FV5 C . 13.99 -21.72 4.41
C08 FV5 C . 16.48 -22.22 4.35
C09 FV5 C . 14.95 -18.29 1.68
C11 FV5 C . 14.50 -15.84 1.37
C13 FV5 C . 12.69 -15.95 -0.44
C17 FV5 C . 13.62 -15.91 -1.68
C25 FV5 C . 11.93 -21.35 -4.21
C33 FV5 C . 10.24 -20.63 -6.03
C34 FV5 C . 10.50 -21.46 -4.75
C35 FV5 C . 12.21 -22.39 -3.10
N03 FV5 C . 14.30 -20.60 0.93
N10 FV5 C . 14.13 -17.20 1.80
N15 FV5 C . 11.45 -15.08 -2.28
N28 FV5 C . 11.00 -21.06 -7.21
O01 FV5 C . 12.54 -19.47 -0.04
O18 FV5 C . 10.43 -15.03 -0.24
O20 FV5 C . 16.28 -15.57 2.99
O21 FV5 C . 16.07 -18.15 1.22
O22 FV5 C . 13.35 -21.30 -1.14
O30 FV5 C . 11.11 -21.63 -9.64
O32 FV5 C . 10.37 -23.32 -8.09
S29 FV5 C . 10.35 -21.96 -8.48
C13 FVE D . 12.70 -16.06 -0.51
C14 FVE D . 11.38 -15.40 -0.97
C16 FVE D . 12.76 -15.56 -2.92
C17 FVE D . 13.64 -15.95 -1.71
C19 FVE D . 15.02 -15.11 2.53
O22 FVE D . 13.26 -21.35 -1.29
N28 FVE D . 11.02 -21.13 -7.35
C31 FVE D . 8.76 -21.64 -8.90
C33 FVE D . 10.26 -20.71 -6.17
C34 FVE D . 10.51 -21.54 -4.90
C35 FVE D . 12.20 -22.46 -3.24
C12 FVE D . 13.21 -15.33 0.73
C23 FVE D . 12.17 -21.36 -2.15
C24 FVE D . 12.25 -20.32 -3.29
C26 FVE D . 12.92 -21.27 -5.52
C27 FVE D . 12.46 -21.31 -6.99
C02 FVE D . 13.12 -20.58 -0.13
C04 FVE D . 14.31 -19.81 1.90
C05 FVE D . 15.45 -20.27 2.87
C06 FVE D . 15.27 -21.69 3.40
C07 FVE D . 14.03 -21.79 4.27
C08 FVE D . 16.52 -22.18 4.20
C09 FVE D . 14.69 -18.45 1.32
C11 FVE D . 14.49 -15.96 1.36
C25 FVE D . 11.94 -21.42 -4.35
N03 FVE D . 14.08 -20.80 0.84
N10 FVE D . 14.19 -17.29 1.87
N15 FVE D . 11.49 -15.13 -2.34
O01 FVE D . 12.21 -19.78 -0.05
O18 FVE D . 10.42 -15.14 -0.31
O20 FVE D . 15.27 -13.82 2.09
O21 FVE D . 15.40 -18.41 0.30
O30 FVE D . 11.14 -21.76 -9.77
O32 FVE D . 10.39 -23.42 -8.18
S29 FVE D . 10.38 -22.07 -8.60
C12 FV5 E . -11.58 16.69 2.44
C14 FV5 E . -12.54 14.78 1.09
C16 FV5 E . -14.45 14.44 2.50
C19 FV5 E . -10.40 18.68 3.63
C23 FV5 E . -17.00 18.62 -1.84
C24 FV5 E . -17.67 17.22 -1.59
C02 FV5 E . -15.11 19.56 -0.59
C04 FV5 E . -13.31 20.92 0.53
C05 FV5 E . -12.99 22.37 0.86
C06 FV5 E . -13.14 23.32 -0.31
C07 FV5 E . -12.34 22.85 -1.51
C08 FV5 E . -12.74 24.74 0.01
C09 FV5 E . -13.07 20.02 1.78
C11 FV5 E . -11.72 18.19 2.94
C13 FV5 E . -12.85 16.15 1.72
C17 FV5 E . -14.02 15.89 2.69
C25 FV5 E . -19.09 17.75 -2.05
C35 FV5 E . -18.41 19.12 -2.31
N03 FV5 E . -14.71 20.78 0.01
N10 FV5 E . -12.03 19.07 1.80
N15 FV5 E . -13.49 13.86 1.57
O01 FV5 E . -14.33 18.73 -0.99
O18 FV5 E . -11.67 14.49 0.33
O20 FV5 E . -10.67 19.93 4.18
O21 FV5 E . -13.79 20.15 2.74
O22 FV5 E . -16.51 19.32 -0.68
C13 FVE F . -13.00 16.39 1.75
C14 FVE F . -12.68 15.11 0.97
C16 FVE F . -14.33 14.50 2.62
C17 FVE F . -13.99 15.98 2.85
C19 FVE F . -10.47 18.80 3.58
O22 FVE F . -16.63 19.31 -0.89
C35 FVE F . -18.48 19.11 -2.58
C12 FVE F . -11.67 16.93 2.32
C23 FVE F . -17.10 18.63 -2.07
C24 FVE F . -17.77 17.20 -1.88
C02 FVE F . -15.24 19.48 -0.73
C04 FVE F . -13.43 20.88 0.28
C05 FVE F . -13.16 22.33 0.75
C06 FVE F . -13.14 23.34 -0.39
C07 FVE F . -12.30 22.88 -1.55
C08 FVE F . -12.67 24.72 0.02
C09 FVE F . -13.26 19.90 1.47
C11 FVE F . -11.77 18.42 2.86
C25 FVE F . -19.10 17.69 -2.55
N03 FVE F . -14.78 20.77 -0.33
N10 FVE F . -12.01 19.35 1.77
N15 FVE F . -13.47 14.07 1.51
O01 FVE F . -14.49 18.56 -0.91
O18 FVE F . -11.90 14.97 0.08
O20 FVE F . -10.26 17.85 4.56
O21 FVE F . -14.24 19.56 2.12
#